data_2DCM
#
_entry.id   2DCM
#
_cell.length_a   149.453
_cell.length_b   149.453
_cell.length_c   159.644
_cell.angle_alpha   90.00
_cell.angle_beta   90.00
_cell.angle_gamma   120.00
#
_symmetry.space_group_name_H-M   'P 63 2 2'
#
loop_
_entity.id
_entity.type
_entity.pdbx_description
1 polymer 'dipeptidyl aminopeptidase IV, putative'
2 non-polymer GLYCYLALANYL-N-2-NAPHTHYL-L-PROLINEAMIDE
3 water water
#
_entity_poly.entity_id   1
_entity_poly.type   'polypeptide(L)'
_entity_poly.pdbx_seq_one_letter_code
;MRGSHHHHHHGSLMPGGKEFYNFYPEYVVGLQWMGDNYVFIEGDDLVFNKANGKSAQTTRFSAADLNALMPEGCKFQTTD
AFPSFRTLDAGRGLVVLFTQGGLVGFDMLARKVTYLFDTNEETASLDFSPVGDRVAYVRNHNLYIARGGKLGEGMSRAIA
VTIDGTETLVYGQAVHQREFGIEKGTFWSPKGSCLAFYRMDQSMVKPTPIVDYHPLEAESKPLYYPMAGTPSHHVTVGIY
HLATGKTVYLQTGEPKEKFLTNLSWSPDENILYVAEVNRAQNECKVNAYDAETGRFVRTLFVETDKHYVEPLHPLTFLPG
SNNQFIWQSRRDGWNHLYLYDTTGRLIRQVTKGEWEVTNFAGFDPKGTRLYFESTEASPLERHFYCIDIKGGKTKDLTPE
SGMHRTQLSPDGSAIIDIFQSPTVPRKVTVTNIGKGSHTLLEAKNPDTGYAMPEIRTGTIMAADGQTPLYYKLTMPLHFD
PAKKYPVIVYVYGGPHAQLVTKTWRSSVGGWDIYMAQKGYAVFTVDSRGSANRGAAFEQVIHRRLGQTEMADQMCGVDFL
KSQSWVDADRIGVHGWAYGGFMTTNLMLTHGDVFKVGVAGGPVIDWNRYEIMYGERYFDAPQENPEGYDAANLLKRAGDL
KGRLMLIHGAIDPVVVWQHSLLFLDACVKARTYPDYYVYPSHEHNVMGPDRVHLYETITRYFTDHL
;
_entity_poly.pdbx_strand_id   A
#
# COMPACT_ATOMS: atom_id res chain seq x y z
N TYR A 27 -14.27 9.88 -7.95
CA TYR A 27 -13.16 10.72 -8.48
C TYR A 27 -13.63 11.57 -9.66
N VAL A 28 -13.35 12.88 -9.62
CA VAL A 28 -13.75 13.78 -10.70
C VAL A 28 -12.60 14.54 -11.38
N VAL A 29 -12.19 14.03 -12.55
CA VAL A 29 -11.13 14.58 -13.40
C VAL A 29 -9.82 15.03 -12.74
N GLY A 30 -9.11 14.10 -12.11
CA GLY A 30 -7.84 14.35 -11.45
C GLY A 30 -7.53 15.75 -10.92
N LEU A 31 -7.91 16.00 -9.68
CA LEU A 31 -7.68 17.29 -9.04
C LEU A 31 -6.25 17.35 -8.48
N GLN A 32 -5.55 18.46 -8.69
CA GLN A 32 -4.16 18.60 -8.19
C GLN A 32 -3.54 19.98 -8.33
N TRP A 33 -2.34 20.14 -7.77
CA TRP A 33 -1.61 21.41 -7.81
C TRP A 33 -0.61 21.57 -8.96
N MET A 34 -0.56 22.78 -9.50
CA MET A 34 0.32 23.14 -10.60
C MET A 34 0.93 24.49 -10.28
N GLY A 35 1.93 24.50 -9.41
CA GLY A 35 2.58 25.73 -9.00
C GLY A 35 1.78 26.40 -7.88
N ASP A 36 0.90 27.31 -8.25
CA ASP A 36 0.04 28.00 -7.30
C ASP A 36 -1.40 27.86 -7.79
N ASN A 37 -1.56 27.11 -8.88
CA ASN A 37 -2.85 26.85 -9.50
C ASN A 37 -3.29 25.46 -9.11
N TYR A 38 -4.59 25.26 -8.95
CA TYR A 38 -5.09 23.93 -8.67
C TYR A 38 -5.82 23.57 -9.95
N VAL A 39 -5.38 22.47 -10.56
CA VAL A 39 -5.95 22.01 -11.81
C VAL A 39 -6.86 20.81 -11.64
N PHE A 40 -7.65 20.55 -12.68
CA PHE A 40 -8.57 19.42 -12.76
C PHE A 40 -8.98 19.41 -14.22
N ILE A 41 -9.23 18.23 -14.78
CA ILE A 41 -9.60 18.16 -16.18
C ILE A 41 -11.09 18.39 -16.43
N GLU A 42 -11.46 18.39 -17.70
CA GLU A 42 -12.82 18.59 -18.16
C GLU A 42 -12.88 18.02 -19.58
N GLY A 43 -12.86 16.70 -19.68
CA GLY A 43 -12.88 16.08 -21.00
C GLY A 43 -11.80 16.69 -21.87
N ASP A 44 -12.18 17.61 -22.74
CA ASP A 44 -11.25 18.26 -23.65
C ASP A 44 -10.41 19.39 -23.01
N ASP A 45 -10.83 19.83 -21.82
CA ASP A 45 -10.14 20.93 -21.13
C ASP A 45 -9.38 20.58 -19.85
N LEU A 46 -8.44 21.46 -19.52
CA LEU A 46 -7.62 21.32 -18.32
C LEU A 46 -7.75 22.68 -17.67
N VAL A 47 -8.78 22.84 -16.85
CA VAL A 47 -9.03 24.11 -16.21
C VAL A 47 -8.12 24.47 -15.04
N PHE A 48 -7.20 25.42 -15.28
CA PHE A 48 -6.28 25.92 -14.27
C PHE A 48 -7.05 26.98 -13.47
N ASN A 49 -6.84 27.03 -12.17
CA ASN A 49 -7.53 28.01 -11.34
C ASN A 49 -6.59 28.51 -10.25
N LYS A 50 -7.06 29.42 -9.40
CA LYS A 50 -6.22 29.94 -8.32
C LYS A 50 -6.97 30.22 -7.02
N ALA A 51 -6.29 30.90 -6.10
CA ALA A 51 -6.88 31.25 -4.81
C ALA A 51 -6.73 32.74 -4.52
N THR A 58 -7.90 31.80 -13.23
CA THR A 58 -8.76 30.92 -14.01
C THR A 58 -8.46 31.03 -15.52
N THR A 59 -8.23 29.88 -16.17
CA THR A 59 -7.93 29.81 -17.60
C THR A 59 -7.88 28.36 -18.08
N ARG A 60 -8.46 28.10 -19.26
CA ARG A 60 -8.49 26.74 -19.80
C ARG A 60 -7.25 26.38 -20.63
N PHE A 61 -7.28 25.17 -21.21
CA PHE A 61 -6.21 24.64 -22.06
C PHE A 61 -6.78 23.36 -22.66
N SER A 62 -7.13 23.44 -23.94
CA SER A 62 -7.75 22.35 -24.69
C SER A 62 -6.79 21.31 -25.26
N ALA A 63 -7.28 20.07 -25.40
CA ALA A 63 -6.48 18.98 -25.95
C ALA A 63 -5.98 19.42 -27.32
N ALA A 64 -6.74 20.32 -27.93
CA ALA A 64 -6.42 20.86 -29.25
C ALA A 64 -5.17 21.76 -29.16
N ASP A 65 -5.25 22.77 -28.31
CA ASP A 65 -4.13 23.69 -28.12
C ASP A 65 -2.87 22.87 -27.90
N LEU A 66 -3.03 21.78 -27.14
CA LEU A 66 -1.92 20.88 -26.82
C LEU A 66 -1.40 20.22 -28.09
N ASN A 67 -2.27 19.51 -28.80
CA ASN A 67 -1.86 18.85 -30.04
C ASN A 67 -1.11 19.82 -30.96
N ALA A 68 -1.53 21.08 -30.97
CA ALA A 68 -0.90 22.10 -31.79
C ALA A 68 0.59 22.21 -31.44
N LEU A 69 0.91 21.93 -30.17
CA LEU A 69 2.27 21.98 -29.65
C LEU A 69 3.00 20.63 -29.67
N MET A 70 2.35 19.59 -30.19
CA MET A 70 2.95 18.26 -30.26
C MET A 70 3.73 18.06 -31.57
N PRO A 71 4.68 17.12 -31.59
CA PRO A 71 5.52 16.81 -32.76
C PRO A 71 4.91 15.73 -33.68
N GLU A 72 4.43 14.65 -33.08
CA GLU A 72 3.83 13.55 -33.82
C GLU A 72 3.24 12.53 -32.83
N ASP A 80 -10.12 13.62 -28.47
CA ASP A 80 -11.50 13.76 -27.98
C ASP A 80 -11.54 14.52 -26.64
N ALA A 81 -10.79 14.01 -25.67
CA ALA A 81 -10.70 14.60 -24.33
C ALA A 81 -9.28 15.12 -24.08
N PHE A 82 -8.90 15.27 -22.80
CA PHE A 82 -7.56 15.73 -22.44
C PHE A 82 -6.71 14.53 -22.04
N PRO A 83 -5.63 14.27 -22.79
CA PRO A 83 -4.71 13.16 -22.56
C PRO A 83 -4.25 12.99 -21.11
N SER A 84 -4.16 11.74 -20.68
CA SER A 84 -3.71 11.44 -19.32
C SER A 84 -2.22 11.75 -19.27
N PHE A 85 -1.75 12.08 -18.07
CA PHE A 85 -0.33 12.40 -17.90
C PHE A 85 0.10 12.18 -16.47
N ARG A 86 1.42 12.10 -16.28
CA ARG A 86 1.97 11.92 -14.96
C ARG A 86 2.62 13.23 -14.57
N THR A 87 2.27 13.76 -13.41
CA THR A 87 2.91 15.00 -13.00
C THR A 87 4.28 14.61 -12.45
N LEU A 88 5.30 15.41 -12.78
CA LEU A 88 6.66 15.14 -12.32
C LEU A 88 7.04 16.16 -11.26
N ASP A 89 6.90 17.44 -11.59
CA ASP A 89 7.21 18.49 -10.64
C ASP A 89 5.95 19.35 -10.50
N ALA A 90 5.15 19.07 -9.49
CA ALA A 90 3.92 19.83 -9.24
C ALA A 90 4.24 21.32 -9.20
N GLY A 91 5.29 21.66 -8.45
CA GLY A 91 5.71 23.05 -8.32
C GLY A 91 5.94 23.73 -9.67
N ARG A 92 6.93 23.27 -10.42
CA ARG A 92 7.25 23.85 -11.72
C ARG A 92 6.21 23.53 -12.81
N GLY A 93 5.20 22.73 -12.45
CA GLY A 93 4.16 22.35 -13.40
C GLY A 93 4.58 21.42 -14.52
N LEU A 94 5.80 20.87 -14.43
CA LEU A 94 6.30 19.96 -15.46
C LEU A 94 5.61 18.59 -15.39
N VAL A 95 5.23 18.08 -16.56
CA VAL A 95 4.53 16.80 -16.69
C VAL A 95 5.08 15.99 -17.86
N VAL A 96 4.60 14.75 -18.01
CA VAL A 96 5.02 13.90 -19.11
C VAL A 96 3.77 13.24 -19.72
N LEU A 97 3.68 13.27 -21.05
CA LEU A 97 2.54 12.71 -21.79
C LEU A 97 2.91 11.43 -22.51
N PHE A 98 2.10 10.39 -22.35
CA PHE A 98 2.36 9.12 -23.02
C PHE A 98 1.70 9.17 -24.39
N THR A 99 2.49 9.00 -25.44
CA THR A 99 1.97 9.05 -26.80
C THR A 99 2.67 8.07 -27.74
N GLN A 100 1.86 7.36 -28.54
CA GLN A 100 2.36 6.37 -29.50
C GLN A 100 3.76 6.70 -30.03
N GLY A 101 4.78 6.16 -29.37
CA GLY A 101 6.16 6.41 -29.79
C GLY A 101 6.84 7.50 -28.97
N GLY A 102 7.44 7.10 -27.85
CA GLY A 102 8.14 8.06 -27.00
C GLY A 102 7.24 8.77 -26.00
N LEU A 103 7.87 9.55 -25.12
CA LEU A 103 7.14 10.29 -24.12
C LEU A 103 7.43 11.76 -24.35
N VAL A 104 6.43 12.60 -24.18
CA VAL A 104 6.62 14.03 -24.38
C VAL A 104 6.59 14.79 -23.07
N GLY A 105 7.76 15.32 -22.67
CA GLY A 105 7.81 16.10 -21.46
C GLY A 105 7.16 17.42 -21.80
N PHE A 106 6.24 17.89 -20.97
CA PHE A 106 5.58 19.15 -21.28
C PHE A 106 5.38 20.02 -20.06
N ASP A 107 5.59 21.32 -20.24
CA ASP A 107 5.43 22.29 -19.16
C ASP A 107 4.05 22.93 -19.31
N MET A 108 3.23 22.83 -18.26
CA MET A 108 1.89 23.39 -18.26
C MET A 108 1.82 24.88 -17.93
N LEU A 109 2.61 25.31 -16.95
CA LEU A 109 2.64 26.71 -16.54
C LEU A 109 3.28 27.63 -17.59
N ALA A 110 3.89 27.03 -18.60
CA ALA A 110 4.55 27.78 -19.67
C ALA A 110 4.19 27.20 -21.05
N ARG A 111 3.24 26.27 -21.06
CA ARG A 111 2.78 25.61 -22.28
C ARG A 111 3.87 25.37 -23.31
N LYS A 112 4.94 24.70 -22.89
CA LYS A 112 6.05 24.40 -23.80
C LYS A 112 6.46 22.96 -23.63
N VAL A 113 6.83 22.32 -24.74
CA VAL A 113 7.25 20.93 -24.70
C VAL A 113 8.69 20.89 -24.18
N THR A 114 8.89 20.32 -23.01
CA THR A 114 10.21 20.23 -22.40
C THR A 114 11.15 19.31 -23.18
N TYR A 115 10.94 18.01 -23.07
CA TYR A 115 11.78 17.04 -23.78
C TYR A 115 11.03 15.84 -24.32
N LEU A 116 11.70 15.13 -25.23
CA LEU A 116 11.17 13.91 -25.82
C LEU A 116 12.04 12.77 -25.29
N PHE A 117 11.42 11.73 -24.73
CA PHE A 117 12.19 10.63 -24.19
C PHE A 117 11.91 9.34 -24.95
N ASP A 118 12.95 8.54 -25.18
CA ASP A 118 12.78 7.26 -25.87
C ASP A 118 13.20 6.15 -24.91
N THR A 119 12.21 5.51 -24.32
CA THR A 119 12.43 4.45 -23.36
C THR A 119 12.41 3.06 -23.98
N ASN A 120 12.20 2.99 -25.29
CA ASN A 120 12.12 1.72 -26.00
C ASN A 120 10.85 1.01 -25.54
N GLU A 121 9.78 1.79 -25.44
CA GLU A 121 8.48 1.27 -25.04
C GLU A 121 8.48 0.57 -23.69
N GLU A 122 9.10 1.21 -22.70
CA GLU A 122 9.17 0.71 -21.33
C GLU A 122 8.59 1.84 -20.48
N THR A 123 7.52 1.55 -19.73
CA THR A 123 6.88 2.58 -18.91
C THR A 123 6.78 2.26 -17.42
N ALA A 124 6.57 0.99 -17.11
CA ALA A 124 6.43 0.55 -15.73
C ALA A 124 7.46 1.11 -14.75
N SER A 125 8.74 0.99 -15.10
CA SER A 125 9.83 1.44 -14.23
C SER A 125 10.34 2.86 -14.41
N LEU A 126 9.68 3.64 -15.27
CA LEU A 126 10.11 5.01 -15.50
C LEU A 126 10.29 5.83 -14.23
N ASP A 127 11.49 6.36 -14.04
CA ASP A 127 11.80 7.19 -12.89
C ASP A 127 12.58 8.38 -13.43
N PHE A 128 11.91 9.53 -13.54
CA PHE A 128 12.53 10.73 -14.07
C PHE A 128 13.44 11.42 -13.08
N SER A 129 14.58 11.89 -13.58
CA SER A 129 15.54 12.59 -12.77
C SER A 129 14.87 13.86 -12.25
N PRO A 130 15.19 14.27 -11.02
CA PRO A 130 14.56 15.48 -10.48
C PRO A 130 14.87 16.70 -11.35
N VAL A 131 15.91 16.61 -12.18
CA VAL A 131 16.29 17.71 -13.04
C VAL A 131 15.30 17.80 -14.22
N GLY A 132 14.46 16.77 -14.35
CA GLY A 132 13.46 16.74 -15.40
C GLY A 132 13.93 16.49 -16.83
N ASP A 133 15.22 16.28 -17.03
CA ASP A 133 15.75 16.07 -18.39
C ASP A 133 16.22 14.64 -18.68
N ARG A 134 16.23 13.79 -17.66
CA ARG A 134 16.64 12.41 -17.85
C ARG A 134 15.67 11.48 -17.13
N VAL A 135 15.55 10.27 -17.65
CA VAL A 135 14.66 9.28 -17.06
C VAL A 135 15.40 7.95 -16.96
N ALA A 136 15.21 7.27 -15.84
CA ALA A 136 15.85 5.97 -15.63
C ALA A 136 14.78 4.92 -15.80
N TYR A 137 15.13 3.77 -16.35
CA TYR A 137 14.15 2.70 -16.53
C TYR A 137 14.86 1.36 -16.67
N VAL A 138 14.13 0.27 -16.49
CA VAL A 138 14.72 -1.06 -16.59
C VAL A 138 14.18 -1.75 -17.85
N ARG A 139 15.04 -2.44 -18.58
CA ARG A 139 14.65 -3.12 -19.81
C ARG A 139 15.51 -4.35 -20.04
N ASN A 140 14.87 -5.50 -20.01
CA ASN A 140 15.56 -6.77 -20.18
C ASN A 140 16.62 -6.94 -19.13
N HIS A 141 16.21 -6.90 -17.87
CA HIS A 141 17.09 -7.09 -16.72
C HIS A 141 18.09 -5.99 -16.38
N ASN A 142 18.30 -5.03 -17.28
CA ASN A 142 19.26 -3.95 -17.01
C ASN A 142 18.69 -2.57 -16.79
N LEU A 143 19.49 -1.73 -16.15
CA LEU A 143 19.13 -0.37 -15.84
C LEU A 143 19.70 0.57 -16.90
N TYR A 144 18.86 1.45 -17.43
CA TYR A 144 19.28 2.40 -18.45
C TYR A 144 18.87 3.81 -18.06
N ILE A 145 19.50 4.79 -18.67
CA ILE A 145 19.15 6.19 -18.42
C ILE A 145 19.02 6.87 -19.77
N ALA A 146 17.80 7.13 -20.18
CA ALA A 146 17.59 7.80 -21.45
C ALA A 146 17.57 9.30 -21.21
N ARG A 147 18.32 10.03 -22.04
CA ARG A 147 18.37 11.48 -21.91
C ARG A 147 17.30 12.13 -22.76
N GLY A 148 16.59 13.09 -22.16
CA GLY A 148 15.55 13.78 -22.88
C GLY A 148 16.13 14.61 -24.00
N GLY A 149 15.52 14.51 -25.17
CA GLY A 149 15.99 15.27 -26.32
C GLY A 149 15.11 16.46 -26.60
N LYS A 150 15.74 17.63 -26.76
CA LYS A 150 15.02 18.86 -27.03
C LYS A 150 14.32 18.73 -28.39
N LEU A 151 13.18 19.40 -28.50
CA LEU A 151 12.38 19.37 -29.73
C LEU A 151 13.19 19.81 -30.95
N GLY A 152 13.30 18.91 -31.92
CA GLY A 152 14.04 19.20 -33.12
C GLY A 152 15.52 18.86 -33.02
N GLU A 153 16.14 19.21 -31.91
CA GLU A 153 17.57 18.97 -31.67
C GLU A 153 18.10 17.53 -31.80
N GLY A 154 17.21 16.54 -31.93
CA GLY A 154 17.67 15.16 -32.07
C GLY A 154 17.83 14.38 -30.76
N MET A 155 17.62 13.07 -30.82
CA MET A 155 17.73 12.20 -29.64
C MET A 155 19.13 11.57 -29.51
N SER A 156 19.46 11.13 -28.30
CA SER A 156 20.74 10.50 -28.04
C SER A 156 20.55 9.14 -27.40
N ARG A 157 21.41 8.19 -27.81
CA ARG A 157 21.37 6.82 -27.33
C ARG A 157 21.37 6.70 -25.79
N ALA A 158 20.39 5.97 -25.27
CA ALA A 158 20.27 5.75 -23.84
C ALA A 158 21.53 5.06 -23.31
N ILE A 159 21.88 5.30 -22.05
CA ILE A 159 23.06 4.71 -21.43
C ILE A 159 22.74 3.51 -20.56
N ALA A 160 23.49 2.43 -20.75
CA ALA A 160 23.27 1.21 -19.97
C ALA A 160 24.12 1.19 -18.70
N VAL A 161 23.46 1.45 -17.57
CA VAL A 161 24.14 1.47 -16.28
C VAL A 161 24.66 0.07 -15.90
N THR A 162 23.89 -0.96 -16.26
CA THR A 162 24.27 -2.35 -15.96
C THR A 162 24.12 -3.20 -17.20
N ILE A 163 24.79 -4.35 -17.23
CA ILE A 163 24.68 -5.20 -18.40
C ILE A 163 24.65 -6.71 -18.13
N ASP A 164 24.73 -7.12 -16.88
CA ASP A 164 24.71 -8.55 -16.57
C ASP A 164 23.44 -8.97 -15.84
N GLY A 165 22.37 -8.20 -16.05
CA GLY A 165 21.10 -8.51 -15.42
C GLY A 165 20.51 -9.86 -15.84
N THR A 166 19.71 -10.45 -14.96
CA THR A 166 19.11 -11.74 -15.23
C THR A 166 17.85 -11.95 -14.39
N GLU A 167 17.19 -13.09 -14.60
CA GLU A 167 16.00 -13.43 -13.84
C GLU A 167 16.49 -13.80 -12.45
N THR A 168 17.80 -14.01 -12.34
CA THR A 168 18.40 -14.39 -11.07
C THR A 168 19.17 -13.20 -10.46
N LEU A 169 19.41 -12.18 -11.27
CA LEU A 169 20.10 -10.99 -10.81
C LEU A 169 19.31 -9.75 -11.25
N VAL A 170 18.44 -9.25 -10.38
CA VAL A 170 17.58 -8.10 -10.70
C VAL A 170 18.15 -6.72 -10.38
N TYR A 171 18.15 -5.83 -11.38
CA TYR A 171 18.65 -4.46 -11.22
C TYR A 171 17.59 -3.34 -11.27
N GLY A 172 17.67 -2.40 -10.33
CA GLY A 172 16.78 -1.26 -10.30
C GLY A 172 15.29 -1.45 -10.06
N GLN A 173 14.92 -2.51 -9.38
CA GLN A 173 13.51 -2.76 -9.11
C GLN A 173 13.26 -2.98 -7.64
N ALA A 174 11.98 -2.94 -7.25
CA ALA A 174 11.60 -3.15 -5.87
C ALA A 174 12.32 -4.39 -5.37
N VAL A 175 12.55 -4.44 -4.07
CA VAL A 175 13.25 -5.54 -3.46
C VAL A 175 12.59 -5.91 -2.13
N HIS A 176 13.08 -6.96 -1.49
CA HIS A 176 12.55 -7.41 -0.22
C HIS A 176 11.03 -7.54 -0.25
N GLN A 177 10.52 -8.12 -1.33
CA GLN A 177 9.09 -8.32 -1.48
C GLN A 177 8.29 -7.04 -1.32
N ARG A 178 8.84 -5.91 -1.74
CA ARG A 178 8.10 -4.67 -1.63
C ARG A 178 7.59 -4.34 -0.22
N GLU A 179 8.36 -4.71 0.79
CA GLU A 179 8.04 -4.41 2.19
C GLU A 179 8.90 -3.20 2.60
N PHE A 180 8.75 -2.76 3.84
CA PHE A 180 9.51 -1.61 4.34
C PHE A 180 9.44 -0.38 3.41
N GLY A 181 8.26 -0.07 2.92
CA GLY A 181 8.10 1.08 2.05
C GLY A 181 8.70 1.00 0.66
N ILE A 182 9.41 -0.08 0.34
CA ILE A 182 10.04 -0.21 -0.98
C ILE A 182 9.03 -0.43 -2.11
N GLU A 183 8.99 0.49 -3.07
CA GLU A 183 8.06 0.39 -4.19
C GLU A 183 8.74 0.40 -5.55
N LYS A 184 10.04 0.66 -5.56
CA LYS A 184 10.83 0.73 -6.79
C LYS A 184 12.26 0.42 -6.43
N GLY A 185 13.15 0.53 -7.41
CA GLY A 185 14.56 0.23 -7.17
C GLY A 185 15.54 1.23 -7.72
N THR A 186 15.08 2.44 -8.01
CA THR A 186 15.93 3.49 -8.54
C THR A 186 15.74 4.75 -7.70
N PHE A 187 16.85 5.35 -7.28
CA PHE A 187 16.79 6.57 -6.46
C PHE A 187 17.77 7.64 -6.92
N TRP A 188 17.25 8.69 -7.55
CA TRP A 188 18.10 9.81 -8.00
C TRP A 188 18.53 10.71 -6.83
N SER A 189 19.71 11.30 -6.93
CA SER A 189 20.18 12.21 -5.91
C SER A 189 19.45 13.52 -6.22
N PRO A 190 19.13 14.32 -5.19
CA PRO A 190 18.42 15.59 -5.34
C PRO A 190 18.78 16.44 -6.56
N LYS A 191 20.04 16.41 -6.96
CA LYS A 191 20.51 17.22 -8.08
C LYS A 191 20.75 16.42 -9.36
N GLY A 192 20.24 15.19 -9.41
CA GLY A 192 20.40 14.39 -10.60
C GLY A 192 21.83 14.02 -10.93
N SER A 193 22.73 14.17 -9.96
CA SER A 193 24.14 13.85 -10.16
C SER A 193 24.38 12.35 -10.12
N CYS A 194 23.64 11.66 -9.27
CA CYS A 194 23.80 10.22 -9.11
C CYS A 194 22.48 9.47 -9.20
N LEU A 195 22.57 8.20 -9.55
CA LEU A 195 21.41 7.34 -9.62
C LEU A 195 21.69 6.12 -8.76
N ALA A 196 21.03 6.02 -7.61
CA ALA A 196 21.22 4.88 -6.73
C ALA A 196 20.24 3.80 -7.18
N PHE A 197 20.61 2.54 -6.98
CA PHE A 197 19.73 1.46 -7.41
C PHE A 197 20.03 0.14 -6.70
N TYR A 198 19.01 -0.69 -6.56
CA TYR A 198 19.18 -1.99 -5.93
C TYR A 198 19.74 -3.00 -6.91
N ARG A 199 20.47 -3.97 -6.37
CA ARG A 199 21.03 -5.07 -7.13
C ARG A 199 20.64 -6.28 -6.30
N MET A 200 19.73 -7.09 -6.85
CA MET A 200 19.26 -8.25 -6.10
C MET A 200 19.68 -9.59 -6.67
N ASP A 201 20.53 -10.27 -5.91
CA ASP A 201 21.03 -11.59 -6.25
C ASP A 201 20.10 -12.61 -5.59
N GLN A 202 19.20 -13.18 -6.37
CA GLN A 202 18.25 -14.14 -5.84
C GLN A 202 18.58 -15.55 -6.29
N SER A 203 19.80 -15.77 -6.75
CA SER A 203 20.19 -17.09 -7.21
C SER A 203 20.13 -18.16 -6.11
N MET A 204 20.05 -17.75 -4.85
CA MET A 204 20.02 -18.71 -3.74
C MET A 204 18.61 -18.92 -3.21
N VAL A 205 17.63 -18.54 -4.01
CA VAL A 205 16.23 -18.67 -3.62
C VAL A 205 15.53 -19.72 -4.47
N LYS A 206 15.06 -20.79 -3.83
CA LYS A 206 14.35 -21.86 -4.53
C LYS A 206 13.06 -21.23 -5.06
N PRO A 207 12.88 -21.20 -6.38
CA PRO A 207 11.70 -20.61 -7.02
C PRO A 207 10.40 -21.39 -7.09
N THR A 208 9.30 -20.66 -7.20
CA THR A 208 7.97 -21.22 -7.34
C THR A 208 7.58 -21.02 -8.80
N PRO A 209 7.00 -22.05 -9.43
CA PRO A 209 6.62 -21.86 -10.84
C PRO A 209 5.33 -21.06 -11.02
N ILE A 210 5.29 -20.25 -12.06
CA ILE A 210 4.10 -19.46 -12.38
C ILE A 210 3.76 -19.85 -13.81
N VAL A 211 2.73 -20.66 -13.95
CA VAL A 211 2.35 -21.15 -15.27
C VAL A 211 1.41 -20.29 -16.08
N ASP A 212 1.80 -20.07 -17.33
CA ASP A 212 1.00 -19.31 -18.27
C ASP A 212 0.33 -20.34 -19.17
N TYR A 213 -0.97 -20.54 -18.96
CA TYR A 213 -1.73 -21.54 -19.71
C TYR A 213 -2.30 -21.14 -21.06
N HIS A 214 -1.92 -19.98 -21.58
CA HIS A 214 -2.45 -19.56 -22.86
C HIS A 214 -1.78 -20.12 -24.10
N PRO A 215 -0.43 -20.23 -24.10
CA PRO A 215 0.25 -20.78 -25.29
C PRO A 215 -0.25 -22.20 -25.60
N LEU A 216 0.01 -22.69 -26.83
CA LEU A 216 -0.42 -24.05 -27.19
C LEU A 216 -0.09 -24.93 -26.00
N GLU A 217 1.20 -25.06 -25.70
CA GLU A 217 1.66 -25.83 -24.55
C GLU A 217 1.88 -24.79 -23.46
N ALA A 218 1.42 -25.07 -22.24
CA ALA A 218 1.60 -24.12 -21.15
C ALA A 218 3.09 -23.85 -20.91
N GLU A 219 3.41 -22.62 -20.54
CA GLU A 219 4.79 -22.23 -20.29
C GLU A 219 4.99 -21.83 -18.84
N SER A 220 6.14 -22.16 -18.28
CA SER A 220 6.43 -21.86 -16.89
C SER A 220 7.61 -20.96 -16.64
N LYS A 221 7.38 -19.89 -15.88
CA LYS A 221 8.44 -18.95 -15.55
C LYS A 221 8.64 -19.07 -14.06
N PRO A 222 9.90 -19.06 -13.60
CA PRO A 222 10.11 -19.18 -12.15
C PRO A 222 9.91 -17.87 -11.38
N LEU A 223 9.33 -17.98 -10.20
CA LEU A 223 9.09 -16.82 -9.35
C LEU A 223 9.94 -17.00 -8.11
N TYR A 224 10.92 -16.11 -7.93
CA TYR A 224 11.82 -16.20 -6.80
C TYR A 224 11.26 -15.70 -5.48
N TYR A 225 10.15 -16.33 -5.10
CA TYR A 225 9.40 -16.05 -3.88
C TYR A 225 10.08 -16.73 -2.69
N PRO A 226 10.79 -15.97 -1.85
CA PRO A 226 11.48 -16.55 -0.68
C PRO A 226 10.55 -16.86 0.48
N MET A 227 10.33 -18.15 0.73
CA MET A 227 9.42 -18.55 1.80
C MET A 227 10.03 -18.50 3.19
N ALA A 228 9.15 -18.31 4.17
CA ALA A 228 9.55 -18.22 5.56
C ALA A 228 10.59 -19.28 5.90
N GLY A 229 11.63 -18.86 6.63
CA GLY A 229 12.66 -19.79 7.05
C GLY A 229 13.71 -20.15 6.02
N THR A 230 13.50 -19.81 4.74
CA THR A 230 14.48 -20.16 3.72
C THR A 230 15.51 -19.04 3.53
N PRO A 231 16.57 -19.32 2.77
CA PRO A 231 17.60 -18.31 2.52
C PRO A 231 17.00 -17.12 1.77
N SER A 232 17.20 -15.92 2.31
CA SER A 232 16.66 -14.73 1.68
C SER A 232 17.56 -14.34 0.52
N HIS A 233 17.10 -13.43 -0.32
CA HIS A 233 17.90 -12.97 -1.44
C HIS A 233 18.96 -12.01 -0.91
N HIS A 234 19.98 -11.71 -1.73
CA HIS A 234 21.06 -10.82 -1.30
C HIS A 234 21.02 -9.50 -2.05
N VAL A 235 20.77 -8.42 -1.32
CA VAL A 235 20.65 -7.08 -1.89
C VAL A 235 21.80 -6.16 -1.57
N THR A 236 22.19 -5.35 -2.56
CA THR A 236 23.25 -4.36 -2.38
C THR A 236 22.81 -3.12 -3.13
N VAL A 237 23.29 -1.96 -2.68
CA VAL A 237 22.92 -0.70 -3.31
C VAL A 237 24.08 -0.18 -4.14
N GLY A 238 23.82 0.05 -5.41
CA GLY A 238 24.86 0.57 -6.28
C GLY A 238 24.57 2.04 -6.49
N ILE A 239 25.61 2.80 -6.86
CA ILE A 239 25.44 4.21 -7.12
C ILE A 239 26.13 4.56 -8.43
N TYR A 240 25.34 4.98 -9.41
CA TYR A 240 25.90 5.36 -10.69
C TYR A 240 26.07 6.88 -10.72
N HIS A 241 27.26 7.32 -11.09
CA HIS A 241 27.57 8.74 -11.18
C HIS A 241 27.49 9.17 -12.65
N LEU A 242 26.47 9.95 -13.00
CA LEU A 242 26.28 10.41 -14.36
C LEU A 242 27.50 11.10 -14.95
N ALA A 243 28.17 11.93 -14.13
CA ALA A 243 29.34 12.68 -14.55
C ALA A 243 30.47 11.80 -15.04
N THR A 244 30.86 10.82 -14.23
CA THR A 244 31.96 9.95 -14.59
C THR A 244 31.57 8.62 -15.18
N GLY A 245 30.31 8.24 -15.02
CA GLY A 245 29.87 6.96 -15.54
C GLY A 245 30.38 5.83 -14.65
N LYS A 246 31.05 6.20 -13.57
CA LYS A 246 31.62 5.26 -12.60
C LYS A 246 30.52 4.76 -11.65
N THR A 247 30.63 3.50 -11.22
CA THR A 247 29.65 2.93 -10.28
C THR A 247 30.31 2.45 -8.99
N VAL A 248 29.62 2.66 -7.87
CA VAL A 248 30.11 2.26 -6.55
C VAL A 248 28.99 1.63 -5.73
N TYR A 249 29.30 0.51 -5.08
CA TYR A 249 28.31 -0.17 -4.25
C TYR A 249 28.57 0.10 -2.78
N LEU A 250 27.51 0.38 -2.04
CA LEU A 250 27.67 0.64 -0.62
C LEU A 250 28.24 -0.62 0.02
N GLN A 251 29.19 -0.41 0.93
CA GLN A 251 29.80 -1.51 1.65
C GLN A 251 28.92 -1.79 2.86
N THR A 252 27.70 -2.26 2.59
CA THR A 252 26.74 -2.57 3.63
C THR A 252 27.14 -3.74 4.52
N GLY A 253 28.23 -4.41 4.18
CA GLY A 253 28.71 -5.52 5.00
C GLY A 253 27.86 -6.77 5.13
N GLU A 254 28.07 -7.50 6.22
CA GLU A 254 27.34 -8.74 6.48
C GLU A 254 26.47 -8.68 7.73
N PRO A 255 25.49 -9.59 7.86
CA PRO A 255 25.11 -10.69 6.95
C PRO A 255 24.58 -10.18 5.62
N LYS A 256 24.72 -10.97 4.57
CA LYS A 256 24.25 -10.54 3.26
C LYS A 256 22.75 -10.36 3.19
N GLU A 257 22.00 -11.07 4.03
CA GLU A 257 20.54 -10.95 4.00
C GLU A 257 20.03 -9.64 4.59
N LYS A 258 20.93 -8.78 5.07
CA LYS A 258 20.52 -7.49 5.65
C LYS A 258 19.45 -6.85 4.79
N PHE A 259 18.39 -6.33 5.40
CA PHE A 259 17.36 -5.67 4.61
C PHE A 259 17.76 -4.19 4.45
N LEU A 260 18.07 -3.79 3.22
CA LEU A 260 18.45 -2.39 2.97
C LEU A 260 17.18 -1.63 2.57
N THR A 261 16.65 -0.82 3.49
CA THR A 261 15.43 -0.09 3.23
C THR A 261 15.49 1.43 3.31
N ASN A 262 14.49 2.06 2.72
CA ASN A 262 14.32 3.51 2.74
C ASN A 262 15.54 4.37 2.38
N LEU A 263 16.10 4.15 1.20
CA LEU A 263 17.25 4.94 0.77
C LEU A 263 16.86 6.42 0.77
N SER A 264 17.68 7.24 1.42
CA SER A 264 17.39 8.66 1.47
C SER A 264 18.66 9.44 1.19
N TRP A 265 18.66 10.21 0.11
CA TRP A 265 19.82 11.01 -0.25
C TRP A 265 19.92 12.23 0.64
N SER A 266 21.13 12.77 0.77
CA SER A 266 21.30 13.98 1.55
C SER A 266 21.10 15.10 0.52
N PRO A 267 20.50 16.23 0.92
CA PRO A 267 20.28 17.34 -0.03
C PRO A 267 21.63 17.67 -0.67
N ASP A 268 22.63 17.39 0.14
CA ASP A 268 24.04 17.60 -0.14
C ASP A 268 24.59 16.65 -1.22
N GLU A 269 23.96 15.48 -1.36
CA GLU A 269 24.36 14.44 -2.31
C GLU A 269 25.67 13.71 -1.95
N ASN A 270 26.27 14.05 -0.81
CA ASN A 270 27.51 13.39 -0.43
C ASN A 270 27.25 12.12 0.37
N ILE A 271 26.12 12.08 1.05
CA ILE A 271 25.75 10.92 1.85
C ILE A 271 24.47 10.23 1.35
N LEU A 272 24.45 8.91 1.45
CA LEU A 272 23.28 8.15 1.06
C LEU A 272 22.88 7.37 2.30
N TYR A 273 21.76 7.76 2.91
CA TYR A 273 21.29 7.12 4.12
C TYR A 273 20.52 5.82 3.85
N VAL A 274 20.74 4.82 4.69
CA VAL A 274 20.03 3.54 4.55
C VAL A 274 19.48 3.04 5.90
N ALA A 275 18.23 2.56 5.88
CA ALA A 275 17.60 2.02 7.08
C ALA A 275 17.76 0.50 7.01
N GLU A 276 18.78 0.01 7.71
CA GLU A 276 19.09 -1.41 7.72
C GLU A 276 18.30 -2.17 8.77
N VAL A 277 17.65 -3.26 8.35
CA VAL A 277 16.86 -4.09 9.27
C VAL A 277 17.40 -5.51 9.24
N ASN A 278 17.51 -6.12 10.43
CA ASN A 278 18.02 -7.48 10.55
C ASN A 278 16.96 -8.53 10.24
N ARG A 279 17.42 -9.77 10.09
CA ARG A 279 16.53 -10.89 9.78
C ARG A 279 15.47 -11.12 10.87
N ALA A 280 15.81 -10.78 12.12
CA ALA A 280 14.89 -10.97 13.23
C ALA A 280 13.88 -9.83 13.25
N GLN A 281 14.16 -8.83 12.41
CA GLN A 281 13.31 -7.64 12.29
C GLN A 281 13.01 -6.98 13.62
N ASN A 282 13.98 -7.01 14.52
CA ASN A 282 13.82 -6.38 15.82
C ASN A 282 14.86 -5.27 16.01
N GLU A 283 15.59 -4.95 14.94
CA GLU A 283 16.59 -3.90 14.98
C GLU A 283 16.68 -3.12 13.67
N CYS A 284 16.70 -1.79 13.77
CA CYS A 284 16.80 -0.95 12.60
C CYS A 284 17.88 0.10 12.78
N LYS A 285 18.99 -0.09 12.08
CA LYS A 285 20.10 0.85 12.13
C LYS A 285 19.99 1.79 10.94
N VAL A 286 20.00 3.10 11.18
CA VAL A 286 19.97 4.04 10.08
C VAL A 286 21.44 4.39 9.87
N ASN A 287 21.98 4.06 8.71
CA ASN A 287 23.39 4.34 8.43
C ASN A 287 23.66 5.37 7.36
N ALA A 288 24.79 6.04 7.52
CA ALA A 288 25.20 7.06 6.57
C ALA A 288 26.30 6.44 5.72
N TYR A 289 26.21 6.60 4.40
CA TYR A 289 27.19 6.07 3.49
C TYR A 289 27.77 7.13 2.56
N ASP A 290 29.07 7.01 2.30
CA ASP A 290 29.77 7.92 1.41
C ASP A 290 29.32 7.57 -0.02
N ALA A 291 28.64 8.50 -0.69
CA ALA A 291 28.15 8.27 -2.06
C ALA A 291 29.26 8.26 -3.10
N GLU A 292 30.46 8.67 -2.71
CA GLU A 292 31.58 8.72 -3.63
C GLU A 292 32.32 7.40 -3.68
N THR A 293 32.59 6.86 -2.51
CA THR A 293 33.35 5.63 -2.36
C THR A 293 32.53 4.42 -1.95
N GLY A 294 31.39 4.68 -1.32
CA GLY A 294 30.52 3.61 -0.86
C GLY A 294 30.87 3.18 0.55
N ARG A 295 31.91 3.77 1.11
CA ARG A 295 32.34 3.42 2.45
C ARG A 295 31.30 3.74 3.53
N PHE A 296 31.30 2.93 4.57
CA PHE A 296 30.40 3.12 5.71
C PHE A 296 30.89 4.35 6.45
N VAL A 297 29.99 5.29 6.73
CA VAL A 297 30.38 6.49 7.44
C VAL A 297 30.07 6.36 8.92
N ARG A 298 28.82 6.07 9.26
CA ARG A 298 28.42 5.94 10.67
C ARG A 298 26.94 5.62 10.88
N THR A 299 26.63 5.18 12.09
CA THR A 299 25.25 4.87 12.47
C THR A 299 24.67 6.06 13.22
N LEU A 300 23.66 6.71 12.65
CA LEU A 300 23.04 7.84 13.33
C LEU A 300 22.31 7.33 14.57
N PHE A 301 21.41 6.39 14.37
CA PHE A 301 20.66 5.84 15.49
C PHE A 301 20.12 4.46 15.19
N VAL A 302 19.82 3.73 16.26
CA VAL A 302 19.29 2.40 16.15
C VAL A 302 18.02 2.37 16.96
N GLU A 303 17.03 1.62 16.48
CA GLU A 303 15.81 1.48 17.23
C GLU A 303 15.40 0.03 17.17
N THR A 304 15.01 -0.48 18.33
CA THR A 304 14.61 -1.88 18.43
C THR A 304 13.18 -1.91 18.94
N ASP A 305 12.65 -3.11 19.13
CA ASP A 305 11.28 -3.31 19.61
C ASP A 305 11.18 -4.74 20.11
N LYS A 306 10.30 -4.99 21.07
CA LYS A 306 10.16 -6.33 21.61
C LYS A 306 9.77 -7.33 20.52
N HIS A 307 8.79 -6.96 19.71
CA HIS A 307 8.28 -7.82 18.65
C HIS A 307 8.99 -7.56 17.32
N TYR A 308 8.80 -6.36 16.76
CA TYR A 308 9.44 -6.02 15.50
C TYR A 308 9.50 -4.53 15.20
N VAL A 309 10.54 -4.11 14.50
CA VAL A 309 10.69 -2.71 14.08
C VAL A 309 10.35 -2.77 12.60
N GLU A 310 9.69 -1.74 12.07
CA GLU A 310 9.30 -1.77 10.66
C GLU A 310 9.36 -0.43 9.94
N PRO A 311 10.56 -0.01 9.51
CA PRO A 311 10.71 1.27 8.81
C PRO A 311 9.93 1.34 7.48
N LEU A 312 9.17 2.42 7.28
CA LEU A 312 8.35 2.57 6.07
C LEU A 312 8.54 3.86 5.25
N HIS A 313 9.31 4.81 5.78
CA HIS A 313 9.53 6.06 5.05
C HIS A 313 10.98 6.50 5.10
N PRO A 314 11.41 7.24 4.07
CA PRO A 314 12.77 7.75 3.97
C PRO A 314 12.95 8.89 4.95
N LEU A 315 14.16 9.44 5.03
CA LEU A 315 14.39 10.58 5.92
C LEU A 315 13.97 11.73 5.02
N THR A 316 13.40 12.77 5.61
CA THR A 316 12.99 13.92 4.84
C THR A 316 13.58 15.16 5.48
N PHE A 317 14.61 15.71 4.86
CA PHE A 317 15.27 16.89 5.41
C PHE A 317 14.40 18.12 5.40
N LEU A 318 14.68 19.04 6.31
CA LEU A 318 13.95 20.30 6.38
C LEU A 318 14.37 21.15 5.20
N PRO A 319 13.45 21.98 4.68
CA PRO A 319 13.81 22.83 3.54
C PRO A 319 15.08 23.64 3.83
N GLY A 320 15.95 23.72 2.84
CA GLY A 320 17.20 24.45 2.97
C GLY A 320 18.16 23.93 4.03
N SER A 321 17.92 22.74 4.55
CA SER A 321 18.78 22.18 5.58
C SER A 321 19.42 20.88 5.17
N ASN A 322 20.66 20.70 5.61
CA ASN A 322 21.42 19.50 5.30
C ASN A 322 21.83 18.83 6.61
N ASN A 323 21.27 19.30 7.73
CA ASN A 323 21.64 18.75 9.01
C ASN A 323 20.47 18.25 9.83
N GLN A 324 19.26 18.63 9.43
CA GLN A 324 18.07 18.20 10.15
C GLN A 324 17.07 17.50 9.22
N PHE A 325 16.45 16.45 9.73
CA PHE A 325 15.48 15.71 8.93
C PHE A 325 14.40 15.10 9.80
N ILE A 326 13.22 14.95 9.23
CA ILE A 326 12.10 14.35 9.93
C ILE A 326 12.12 12.84 9.66
N TRP A 327 11.91 12.06 10.71
CA TRP A 327 11.88 10.61 10.60
C TRP A 327 10.66 10.06 11.34
N GLN A 328 9.89 9.23 10.63
CA GLN A 328 8.71 8.64 11.23
C GLN A 328 9.05 7.34 11.96
N SER A 329 8.49 7.21 13.17
CA SER A 329 8.73 6.03 13.98
C SER A 329 7.47 5.67 14.77
N ARG A 330 7.34 4.39 15.11
CA ARG A 330 6.20 3.91 15.88
C ARG A 330 6.81 3.33 17.14
N ARG A 331 7.97 3.87 17.50
CA ARG A 331 8.73 3.43 18.66
C ARG A 331 7.95 3.52 19.96
N ASP A 332 7.14 4.56 20.14
CA ASP A 332 6.38 4.68 21.38
C ASP A 332 4.96 4.11 21.27
N GLY A 333 4.77 3.23 20.29
CA GLY A 333 3.46 2.61 20.11
C GLY A 333 2.51 3.35 19.19
N TRP A 334 2.99 4.45 18.63
CA TRP A 334 2.17 5.24 17.73
C TRP A 334 3.11 5.90 16.74
N ASN A 335 2.74 5.89 15.47
CA ASN A 335 3.60 6.48 14.45
C ASN A 335 3.64 8.00 14.58
N HIS A 336 4.82 8.52 14.88
CA HIS A 336 4.97 9.96 15.02
C HIS A 336 6.15 10.50 14.24
N LEU A 337 6.23 11.83 14.18
CA LEU A 337 7.30 12.49 13.46
C LEU A 337 8.39 12.91 14.43
N TYR A 338 9.62 12.49 14.16
CA TYR A 338 10.75 12.84 15.01
C TYR A 338 11.71 13.76 14.26
N LEU A 339 12.30 14.70 15.00
CA LEU A 339 13.23 15.64 14.40
C LEU A 339 14.65 15.26 14.78
N TYR A 340 15.39 14.74 13.82
CA TYR A 340 16.76 14.33 14.06
C TYR A 340 17.78 15.30 13.47
N ASP A 341 19.02 15.04 13.85
CA ASP A 341 20.16 15.81 13.43
C ASP A 341 21.11 14.78 12.82
N THR A 342 21.64 15.04 11.63
CA THR A 342 22.53 14.09 10.98
C THR A 342 23.69 13.53 11.83
N THR A 343 23.82 14.01 13.05
CA THR A 343 24.86 13.51 13.96
C THR A 343 24.33 12.22 14.54
N GLY A 344 23.00 12.15 14.64
CA GLY A 344 22.34 10.98 15.19
C GLY A 344 21.59 11.38 16.44
N ARG A 345 21.76 12.64 16.82
CA ARG A 345 21.09 13.16 18.00
C ARG A 345 19.62 13.49 17.73
N LEU A 346 18.76 13.05 18.64
CA LEU A 346 17.34 13.31 18.52
C LEU A 346 17.07 14.68 19.12
N ILE A 347 16.57 15.60 18.30
CA ILE A 347 16.29 16.92 18.81
C ILE A 347 14.98 16.90 19.59
N ARG A 348 14.00 16.19 19.06
CA ARG A 348 12.70 16.06 19.71
C ARG A 348 11.68 15.25 18.91
N GLN A 349 10.55 14.98 19.55
CA GLN A 349 9.46 14.25 18.92
C GLN A 349 8.41 15.32 18.64
N VAL A 350 8.34 15.77 17.40
CA VAL A 350 7.39 16.82 17.02
C VAL A 350 5.94 16.49 17.39
N THR A 351 5.45 15.32 16.97
CA THR A 351 4.08 14.93 17.31
C THR A 351 4.09 13.82 18.34
N LYS A 352 3.07 13.83 19.20
CA LYS A 352 2.96 12.82 20.25
C LYS A 352 1.48 12.67 20.66
N GLY A 353 1.09 11.44 20.99
CA GLY A 353 -0.28 11.20 21.39
C GLY A 353 -0.71 9.78 21.06
N GLU A 354 -1.85 9.37 21.61
CA GLU A 354 -2.34 8.02 21.36
C GLU A 354 -3.16 7.97 20.08
N TRP A 355 -2.58 8.52 19.05
CA TRP A 355 -3.16 8.53 17.72
C TRP A 355 -1.97 8.35 16.79
N GLU A 356 -2.20 8.21 15.49
CA GLU A 356 -1.09 8.02 14.58
C GLU A 356 -1.08 8.91 13.36
N VAL A 357 0.12 9.30 12.94
CA VAL A 357 0.30 10.12 11.76
C VAL A 357 0.12 9.15 10.61
N THR A 358 -0.86 9.41 9.74
CA THR A 358 -1.13 8.51 8.63
C THR A 358 -0.60 9.01 7.28
N ASN A 359 0.08 10.17 7.30
CA ASN A 359 0.68 10.73 6.10
C ASN A 359 1.38 12.05 6.39
N PHE A 360 2.62 12.16 5.97
CA PHE A 360 3.42 13.37 6.17
C PHE A 360 3.45 14.16 4.87
N ALA A 361 2.76 15.29 4.86
CA ALA A 361 2.68 16.14 3.67
C ALA A 361 3.86 17.11 3.51
N GLY A 362 4.51 17.48 4.60
CA GLY A 362 5.63 18.39 4.45
C GLY A 362 5.69 19.55 5.42
N PHE A 363 6.32 20.65 5.00
CA PHE A 363 6.47 21.83 5.84
C PHE A 363 6.01 23.10 5.15
N ASP A 364 6.23 24.20 5.84
CA ASP A 364 5.93 25.52 5.32
C ASP A 364 7.25 25.96 4.72
N PRO A 365 7.23 26.92 3.79
CA PRO A 365 8.47 27.40 3.15
C PRO A 365 9.67 27.53 4.09
N LYS A 366 9.45 28.16 5.24
CA LYS A 366 10.51 28.37 6.22
C LYS A 366 10.96 27.08 6.92
N GLY A 367 10.02 26.18 7.17
CA GLY A 367 10.35 24.94 7.85
C GLY A 367 10.12 25.05 9.35
N THR A 368 9.11 25.81 9.74
CA THR A 368 8.82 25.99 11.16
C THR A 368 7.54 25.24 11.57
N ARG A 369 6.83 24.71 10.58
CA ARG A 369 5.60 23.96 10.82
C ARG A 369 5.58 22.70 9.96
N LEU A 370 5.04 21.60 10.51
CA LEU A 370 4.92 20.34 9.77
C LEU A 370 3.45 20.10 9.44
N TYR A 371 3.15 19.67 8.22
CA TYR A 371 1.76 19.38 7.86
C TYR A 371 1.61 17.89 7.73
N PHE A 372 0.49 17.35 8.17
CA PHE A 372 0.31 15.91 8.09
C PHE A 372 -1.13 15.48 8.30
N GLU A 373 -1.38 14.21 8.02
CA GLU A 373 -2.70 13.61 8.17
C GLU A 373 -2.60 12.62 9.34
N SER A 374 -3.62 12.56 10.18
CA SER A 374 -3.58 11.64 11.31
C SER A 374 -4.96 11.23 11.82
N THR A 375 -4.95 10.38 12.83
CA THR A 375 -6.16 9.86 13.44
C THR A 375 -6.39 10.51 14.79
N GLU A 376 -5.79 11.67 15.02
CA GLU A 376 -5.97 12.35 16.30
C GLU A 376 -7.46 12.62 16.57
N ALA A 377 -8.21 12.94 15.53
CA ALA A 377 -9.64 13.19 15.68
C ALA A 377 -10.36 11.90 16.07
N SER A 378 -10.05 10.82 15.35
CA SER A 378 -10.67 9.52 15.61
C SER A 378 -10.07 8.45 14.71
N PRO A 379 -9.92 7.21 15.22
CA PRO A 379 -9.35 6.13 14.43
C PRO A 379 -10.19 5.89 13.17
N LEU A 380 -11.46 6.32 13.23
CA LEU A 380 -12.38 6.15 12.11
C LEU A 380 -12.37 7.30 11.10
N GLU A 381 -11.57 8.34 11.37
CA GLU A 381 -11.47 9.49 10.47
C GLU A 381 -10.03 9.88 10.10
N ARG A 382 -9.91 10.81 9.16
CA ARG A 382 -8.60 11.32 8.72
C ARG A 382 -8.71 12.83 8.60
N HIS A 383 -7.90 13.55 9.36
CA HIS A 383 -7.92 15.01 9.29
C HIS A 383 -6.53 15.52 8.97
N PHE A 384 -6.45 16.58 8.18
CA PHE A 384 -5.16 17.16 7.82
C PHE A 384 -4.80 18.14 8.93
N TYR A 385 -3.62 18.01 9.51
CA TYR A 385 -3.24 18.93 10.57
C TYR A 385 -2.06 19.81 10.23
N CYS A 386 -1.50 20.43 11.25
CA CYS A 386 -0.40 21.34 11.10
C CYS A 386 0.09 21.62 12.50
N ILE A 387 1.35 21.34 12.75
CA ILE A 387 1.91 21.56 14.08
C ILE A 387 3.20 22.36 13.96
N ASP A 388 3.63 22.93 15.08
CA ASP A 388 4.85 23.73 15.13
C ASP A 388 6.04 22.79 15.15
N ILE A 389 7.09 23.12 14.41
CA ILE A 389 8.29 22.30 14.37
C ILE A 389 8.84 22.09 15.79
N LYS A 390 8.49 22.99 16.70
CA LYS A 390 8.93 22.91 18.09
C LYS A 390 8.03 21.96 18.89
N GLY A 391 6.93 21.52 18.27
CA GLY A 391 6.01 20.63 18.93
C GLY A 391 4.82 21.38 19.50
N GLY A 392 4.10 20.73 20.41
CA GLY A 392 2.95 21.39 21.02
C GLY A 392 1.62 20.96 20.46
N LYS A 393 0.64 21.85 20.54
CA LYS A 393 -0.71 21.57 20.04
C LYS A 393 -0.74 21.51 18.52
N THR A 394 -1.62 20.67 17.99
CA THR A 394 -1.77 20.52 16.55
C THR A 394 -3.05 21.25 16.18
N LYS A 395 -3.08 21.87 15.01
CA LYS A 395 -4.30 22.54 14.60
C LYS A 395 -4.96 21.81 13.44
N ASP A 396 -6.14 21.23 13.71
CA ASP A 396 -6.87 20.50 12.70
C ASP A 396 -7.34 21.50 11.65
N LEU A 397 -6.94 21.29 10.39
CA LEU A 397 -7.32 22.18 9.30
C LEU A 397 -8.53 21.69 8.53
N THR A 398 -8.96 20.47 8.83
CA THR A 398 -10.11 19.87 8.16
C THR A 398 -10.91 19.15 9.25
N PRO A 399 -11.50 19.94 10.16
CA PRO A 399 -12.30 19.51 11.32
C PRO A 399 -13.63 18.79 11.10
N GLU A 400 -14.23 18.90 9.91
CA GLU A 400 -15.51 18.22 9.72
C GLU A 400 -15.33 16.69 9.84
N SER A 401 -16.16 16.08 10.69
CA SER A 401 -16.11 14.64 10.91
C SER A 401 -16.20 13.86 9.59
N GLY A 402 -15.28 12.92 9.40
CA GLY A 402 -15.28 12.13 8.20
C GLY A 402 -13.90 11.80 7.67
N MET A 403 -13.83 11.47 6.38
CA MET A 403 -12.57 11.12 5.75
C MET A 403 -12.05 12.30 4.96
N HIS A 404 -10.89 12.81 5.35
CA HIS A 404 -10.28 13.93 4.66
C HIS A 404 -8.97 13.54 3.98
N ARG A 405 -8.94 13.67 2.66
CA ARG A 405 -7.75 13.35 1.89
C ARG A 405 -7.26 14.68 1.33
N THR A 406 -6.22 15.21 1.95
CA THR A 406 -5.73 16.52 1.56
C THR A 406 -4.41 16.60 0.81
N GLN A 407 -4.25 17.64 0.00
CA GLN A 407 -3.05 17.88 -0.80
C GLN A 407 -2.51 19.28 -0.55
N LEU A 408 -1.42 19.36 0.20
CA LEU A 408 -0.78 20.64 0.50
C LEU A 408 -0.19 21.23 -0.78
N SER A 409 -0.50 22.49 -1.06
CA SER A 409 0.01 23.14 -2.26
C SER A 409 1.52 23.28 -2.23
N PRO A 410 2.16 23.46 -3.40
CA PRO A 410 3.62 23.61 -3.49
C PRO A 410 4.17 24.78 -2.67
N ASP A 411 3.63 25.97 -2.88
CA ASP A 411 4.10 27.13 -2.14
C ASP A 411 3.71 27.02 -0.67
N GLY A 412 3.19 25.85 -0.29
CA GLY A 412 2.79 25.60 1.09
C GLY A 412 1.80 26.56 1.74
N SER A 413 0.98 27.22 0.92
CA SER A 413 -0.01 28.17 1.43
C SER A 413 -1.43 27.62 1.37
N ALA A 414 -1.92 27.33 0.16
CA ALA A 414 -3.27 26.82 0.00
C ALA A 414 -3.37 25.33 0.33
N ILE A 415 -4.52 24.73 0.01
CA ILE A 415 -4.75 23.33 0.33
C ILE A 415 -6.02 22.82 -0.34
N ILE A 416 -5.88 21.74 -1.10
CA ILE A 416 -7.03 21.14 -1.75
C ILE A 416 -7.55 20.05 -0.84
N ASP A 417 -8.84 20.05 -0.55
CA ASP A 417 -9.37 19.02 0.33
C ASP A 417 -10.61 18.28 -0.15
N ILE A 418 -10.46 16.96 -0.31
CA ILE A 418 -11.55 16.11 -0.75
C ILE A 418 -12.11 15.36 0.46
N PHE A 419 -13.31 15.76 0.86
CA PHE A 419 -13.97 15.18 2.01
C PHE A 419 -15.19 14.35 1.67
N GLN A 420 -15.52 13.42 2.56
CA GLN A 420 -16.68 12.55 2.40
C GLN A 420 -17.01 11.84 3.71
N SER A 421 -18.29 11.81 4.06
CA SER A 421 -18.71 11.15 5.29
C SER A 421 -19.88 10.23 4.99
N PRO A 422 -20.43 9.59 6.03
CA PRO A 422 -21.55 8.69 5.74
C PRO A 422 -22.69 9.48 5.10
N THR A 423 -22.84 10.73 5.53
CA THR A 423 -23.89 11.60 5.03
C THR A 423 -23.44 12.38 3.78
N VAL A 424 -22.15 12.67 3.68
CA VAL A 424 -21.63 13.44 2.54
C VAL A 424 -20.86 12.61 1.53
N PRO A 425 -21.35 12.54 0.29
CA PRO A 425 -20.68 11.76 -0.76
C PRO A 425 -19.29 12.30 -1.12
N ARG A 426 -19.20 13.62 -1.25
CA ARG A 426 -17.94 14.28 -1.59
C ARG A 426 -18.04 15.78 -1.34
N LYS A 427 -16.90 16.46 -1.32
CA LYS A 427 -16.88 17.89 -1.06
C LYS A 427 -15.48 18.48 -1.23
N VAL A 428 -15.13 18.83 -2.46
CA VAL A 428 -13.83 19.40 -2.75
C VAL A 428 -13.76 20.81 -2.13
N THR A 429 -12.62 21.16 -1.55
CA THR A 429 -12.49 22.46 -0.89
C THR A 429 -11.10 23.09 -0.99
N VAL A 430 -10.87 23.91 -2.00
CA VAL A 430 -9.58 24.59 -2.11
C VAL A 430 -9.55 25.58 -0.94
N THR A 431 -8.41 25.74 -0.29
CA THR A 431 -8.37 26.64 0.85
C THR A 431 -7.04 27.36 1.09
N ASN A 432 -7.12 28.69 1.20
CA ASN A 432 -5.90 29.45 1.48
C ASN A 432 -5.77 29.33 3.00
N ILE A 433 -4.80 28.53 3.45
CA ILE A 433 -4.58 28.34 4.88
C ILE A 433 -4.62 29.68 5.59
N GLY A 434 -5.79 30.01 6.12
CA GLY A 434 -5.99 31.29 6.81
C GLY A 434 -7.25 31.95 6.27
N LYS A 435 -7.34 32.07 4.95
CA LYS A 435 -8.49 32.68 4.29
C LYS A 435 -9.76 31.82 4.37
N GLY A 436 -10.70 32.12 3.48
CA GLY A 436 -11.95 31.39 3.40
C GLY A 436 -11.77 30.07 2.68
N SER A 437 -12.78 29.21 2.72
CA SER A 437 -12.69 27.91 2.08
C SER A 437 -13.67 27.70 0.94
N HIS A 438 -13.31 28.26 -0.21
CA HIS A 438 -14.11 28.15 -1.42
C HIS A 438 -14.34 26.69 -1.80
N THR A 439 -15.60 26.25 -1.75
CA THR A 439 -15.95 24.88 -2.09
C THR A 439 -15.89 24.70 -3.61
N LEU A 440 -15.34 23.59 -4.08
CA LEU A 440 -15.21 23.35 -5.52
C LEU A 440 -16.26 22.38 -6.07
N LEU A 441 -16.83 21.57 -5.19
CA LEU A 441 -17.84 20.59 -5.57
C LEU A 441 -18.48 19.99 -4.33
N GLU A 442 -19.81 19.90 -4.36
CA GLU A 442 -20.60 19.35 -3.27
C GLU A 442 -21.70 18.48 -3.86
N ALA A 443 -21.95 17.33 -3.24
CA ALA A 443 -22.98 16.41 -3.72
C ALA A 443 -23.65 15.68 -2.56
N LYS A 444 -24.77 15.00 -2.85
CA LYS A 444 -25.51 14.24 -1.84
C LYS A 444 -26.60 13.37 -2.49
N ASN A 445 -26.72 12.12 -2.05
CA ASN A 445 -27.71 11.18 -2.59
C ASN A 445 -28.52 10.52 -1.47
N ALA A 451 -34.12 3.06 -3.11
CA ALA A 451 -33.93 2.11 -2.03
C ALA A 451 -32.49 1.60 -2.03
N MET A 452 -31.89 1.50 -0.84
CA MET A 452 -30.50 1.03 -0.67
C MET A 452 -30.28 0.36 0.69
N PRO A 453 -29.26 -0.49 0.80
CA PRO A 453 -29.01 -1.15 2.08
C PRO A 453 -28.65 -0.15 3.18
N GLU A 454 -29.34 -0.24 4.31
CA GLU A 454 -29.09 0.63 5.45
C GLU A 454 -27.77 0.17 6.06
N ILE A 455 -26.83 1.09 6.24
CA ILE A 455 -25.55 0.73 6.83
C ILE A 455 -25.48 1.23 8.27
N ARG A 456 -25.29 0.30 9.20
CA ARG A 456 -25.20 0.66 10.61
C ARG A 456 -23.76 0.52 11.05
N THR A 457 -23.37 1.33 12.04
CA THR A 457 -22.02 1.31 12.58
C THR A 457 -22.09 1.34 14.09
N GLY A 458 -21.22 0.59 14.73
CA GLY A 458 -21.21 0.54 16.18
C GLY A 458 -19.87 0.13 16.72
N THR A 459 -19.86 -0.22 18.00
CA THR A 459 -18.64 -0.64 18.67
C THR A 459 -18.98 -1.84 19.54
N ILE A 460 -17.98 -2.67 19.81
CA ILE A 460 -18.17 -3.83 20.67
C ILE A 460 -16.85 -4.12 21.35
N MET A 461 -16.88 -4.81 22.48
CA MET A 461 -15.65 -5.15 23.17
C MET A 461 -14.98 -6.30 22.45
N ALA A 462 -13.65 -6.30 22.45
CA ALA A 462 -12.89 -7.37 21.83
C ALA A 462 -12.91 -8.49 22.86
N ALA A 463 -12.34 -9.63 22.50
CA ALA A 463 -12.33 -10.77 23.40
C ALA A 463 -11.58 -10.54 24.72
N ASP A 464 -10.87 -9.43 24.83
CA ASP A 464 -10.14 -9.12 26.07
C ASP A 464 -11.04 -8.38 27.05
N GLY A 465 -12.29 -8.15 26.64
CA GLY A 465 -13.26 -7.47 27.48
C GLY A 465 -13.09 -5.97 27.66
N GLN A 466 -11.96 -5.43 27.22
CA GLN A 466 -11.70 -4.00 27.40
C GLN A 466 -11.47 -3.20 26.11
N THR A 467 -10.81 -3.79 25.11
CA THR A 467 -10.54 -3.06 23.86
C THR A 467 -11.74 -2.89 22.90
N PRO A 468 -12.03 -1.64 22.55
CA PRO A 468 -13.12 -1.20 21.65
C PRO A 468 -12.92 -1.51 20.18
N LEU A 469 -13.77 -2.38 19.62
CA LEU A 469 -13.67 -2.73 18.21
C LEU A 469 -14.77 -1.99 17.45
N TYR A 470 -14.50 -1.62 16.19
CA TYR A 470 -15.49 -0.92 15.39
C TYR A 470 -16.00 -1.80 14.28
N TYR A 471 -17.30 -1.73 14.03
CA TYR A 471 -17.91 -2.54 12.99
C TYR A 471 -18.83 -1.75 12.08
N LYS A 472 -19.07 -2.29 10.90
CA LYS A 472 -19.97 -1.67 9.94
C LYS A 472 -20.92 -2.81 9.59
N LEU A 473 -22.22 -2.53 9.62
CA LEU A 473 -23.22 -3.55 9.31
C LEU A 473 -24.10 -3.13 8.16
N THR A 474 -24.01 -3.88 7.07
CA THR A 474 -24.82 -3.61 5.89
C THR A 474 -26.09 -4.46 5.99
N MET A 475 -27.21 -3.78 6.21
CA MET A 475 -28.52 -4.42 6.35
C MET A 475 -29.06 -4.89 5.01
N PRO A 476 -29.83 -5.99 5.02
CA PRO A 476 -30.35 -6.44 3.73
C PRO A 476 -31.36 -5.46 3.15
N LEU A 477 -31.24 -5.23 1.84
CA LEU A 477 -32.14 -4.33 1.12
C LEU A 477 -33.56 -4.71 1.48
N HIS A 478 -34.39 -3.72 1.80
CA HIS A 478 -35.79 -3.92 2.19
C HIS A 478 -35.90 -4.68 3.49
N PHE A 479 -35.01 -4.32 4.42
CA PHE A 479 -35.00 -4.96 5.72
C PHE A 479 -36.37 -4.87 6.39
N ASP A 480 -36.76 -5.96 7.04
CA ASP A 480 -38.04 -6.04 7.74
C ASP A 480 -37.68 -6.75 9.05
N PRO A 481 -37.64 -6.01 10.16
CA PRO A 481 -37.31 -6.54 11.50
C PRO A 481 -38.17 -7.70 11.98
N ALA A 482 -39.31 -7.91 11.33
CA ALA A 482 -40.20 -9.01 11.68
C ALA A 482 -39.51 -10.30 11.25
N LYS A 483 -38.67 -10.16 10.24
CA LYS A 483 -37.95 -11.26 9.64
C LYS A 483 -36.68 -11.71 10.39
N LYS A 484 -36.10 -12.79 9.88
CA LYS A 484 -34.89 -13.40 10.41
C LYS A 484 -33.99 -13.62 9.19
N TYR A 485 -33.12 -12.66 8.92
CA TYR A 485 -32.22 -12.76 7.77
C TYR A 485 -30.92 -13.51 8.04
N PRO A 486 -30.30 -14.05 6.98
CA PRO A 486 -29.03 -14.78 7.07
C PRO A 486 -27.93 -13.70 7.04
N VAL A 487 -26.80 -13.95 7.69
CA VAL A 487 -25.75 -12.95 7.71
C VAL A 487 -24.37 -13.50 7.32
N ILE A 488 -23.58 -12.69 6.63
CA ILE A 488 -22.24 -13.09 6.22
C ILE A 488 -21.22 -12.15 6.80
N VAL A 489 -20.21 -12.72 7.46
CA VAL A 489 -19.15 -11.92 8.06
C VAL A 489 -18.05 -11.73 7.01
N TYR A 490 -17.81 -10.48 6.61
CA TYR A 490 -16.74 -10.24 5.64
C TYR A 490 -15.52 -9.90 6.48
N VAL A 491 -14.43 -10.61 6.26
CA VAL A 491 -13.27 -10.39 7.08
C VAL A 491 -11.90 -10.37 6.43
N TYR A 492 -11.06 -9.45 6.90
CA TYR A 492 -9.68 -9.37 6.45
C TYR A 492 -8.92 -9.73 7.73
N GLY A 493 -8.92 -8.81 8.69
CA GLY A 493 -8.27 -9.07 9.96
C GLY A 493 -6.77 -8.92 10.04
N GLY A 494 -6.08 -9.05 8.92
CA GLY A 494 -4.64 -8.93 8.91
C GLY A 494 -4.10 -7.55 9.18
N PRO A 495 -2.78 -7.43 9.43
CA PRO A 495 -2.11 -6.15 9.70
C PRO A 495 -2.03 -5.25 8.47
N HIS A 496 -1.95 -3.94 8.72
CA HIS A 496 -1.86 -2.92 7.68
C HIS A 496 -3.18 -2.54 7.04
N ALA A 497 -4.29 -3.11 7.50
CA ALA A 497 -5.57 -2.78 6.90
C ALA A 497 -6.61 -2.34 7.92
N GLN A 498 -7.52 -1.46 7.48
CA GLN A 498 -8.58 -0.95 8.33
C GLN A 498 -9.82 -0.81 7.44
N LEU A 499 -10.81 -1.66 7.67
CA LEU A 499 -12.04 -1.70 6.87
C LEU A 499 -13.19 -0.82 7.34
N VAL A 500 -13.25 -0.58 8.65
CA VAL A 500 -14.33 0.21 9.21
C VAL A 500 -13.95 1.66 9.51
N THR A 501 -14.30 2.57 8.59
CA THR A 501 -14.02 3.99 8.76
C THR A 501 -15.22 4.84 8.33
N LYS A 502 -15.28 6.10 8.77
CA LYS A 502 -16.41 6.96 8.42
C LYS A 502 -16.34 7.41 6.97
N THR A 503 -16.75 6.55 6.06
CA THR A 503 -16.69 6.87 4.65
C THR A 503 -18.07 6.98 4.03
N TRP A 504 -18.14 6.73 2.73
CA TRP A 504 -19.38 6.77 2.00
C TRP A 504 -19.75 5.37 1.56
N ARG A 505 -20.88 4.88 2.04
CA ARG A 505 -21.35 3.54 1.70
C ARG A 505 -20.26 2.51 2.02
N SER A 506 -20.14 1.50 1.16
CA SER A 506 -19.15 0.44 1.33
C SER A 506 -17.70 0.91 1.42
N SER A 507 -16.84 -0.05 1.75
CA SER A 507 -15.40 0.17 1.87
C SER A 507 -14.77 -1.20 1.66
N VAL A 508 -15.32 -1.91 0.69
CA VAL A 508 -14.91 -3.28 0.32
C VAL A 508 -15.24 -3.48 -1.16
N GLY A 509 -15.23 -2.38 -1.92
CA GLY A 509 -15.54 -2.45 -3.34
C GLY A 509 -17.00 -2.73 -3.61
N GLY A 510 -17.85 -2.49 -2.60
CA GLY A 510 -19.28 -2.71 -2.76
C GLY A 510 -19.80 -4.14 -2.78
N TRP A 511 -18.99 -5.11 -2.37
CA TRP A 511 -19.48 -6.49 -2.35
C TRP A 511 -20.54 -6.65 -1.27
N ASP A 512 -20.34 -5.97 -0.14
CA ASP A 512 -21.28 -6.01 0.97
C ASP A 512 -22.64 -5.52 0.47
N ILE A 513 -22.62 -4.41 -0.25
CA ILE A 513 -23.84 -3.82 -0.78
C ILE A 513 -24.48 -4.71 -1.82
N TYR A 514 -23.65 -5.46 -2.54
CA TYR A 514 -24.15 -6.37 -3.57
C TYR A 514 -24.91 -7.49 -2.86
N MET A 515 -24.25 -8.13 -1.90
CA MET A 515 -24.88 -9.21 -1.14
C MET A 515 -26.14 -8.76 -0.43
N ALA A 516 -26.10 -7.60 0.19
CA ALA A 516 -27.26 -7.08 0.91
C ALA A 516 -28.48 -7.03 -0.01
N GLN A 517 -28.25 -6.79 -1.30
CA GLN A 517 -29.36 -6.73 -2.24
C GLN A 517 -29.96 -8.09 -2.52
N LYS A 518 -29.19 -9.15 -2.26
CA LYS A 518 -29.69 -10.49 -2.49
C LYS A 518 -30.21 -11.13 -1.24
N GLY A 519 -30.53 -10.28 -0.26
CA GLY A 519 -31.11 -10.75 0.99
C GLY A 519 -30.21 -11.05 2.18
N TYR A 520 -28.90 -10.97 2.00
CA TYR A 520 -27.98 -11.26 3.10
C TYR A 520 -27.37 -10.01 3.73
N ALA A 521 -27.24 -10.05 5.05
CA ALA A 521 -26.65 -8.94 5.76
C ALA A 521 -25.17 -9.24 5.84
N VAL A 522 -24.35 -8.20 5.67
CA VAL A 522 -22.91 -8.35 5.73
C VAL A 522 -22.40 -7.55 6.94
N PHE A 523 -21.49 -8.16 7.68
CA PHE A 523 -20.92 -7.55 8.88
C PHE A 523 -19.40 -7.67 8.86
N THR A 524 -18.71 -6.57 9.20
CA THR A 524 -17.25 -6.54 9.27
C THR A 524 -16.85 -5.86 10.57
N VAL A 525 -15.71 -6.26 11.13
CA VAL A 525 -15.22 -5.67 12.37
C VAL A 525 -13.71 -5.67 12.36
N ASP A 526 -13.11 -4.51 12.59
CA ASP A 526 -11.67 -4.39 12.62
C ASP A 526 -11.16 -4.99 13.92
N SER A 527 -10.90 -6.29 13.90
CA SER A 527 -10.41 -7.02 15.05
C SER A 527 -8.97 -6.64 15.38
N ARG A 528 -8.53 -6.94 16.60
CA ARG A 528 -7.16 -6.64 17.01
C ARG A 528 -6.16 -7.24 16.04
N GLY A 529 -5.22 -6.41 15.60
CA GLY A 529 -4.23 -6.84 14.65
C GLY A 529 -4.44 -5.92 13.45
N SER A 530 -5.64 -5.35 13.35
CA SER A 530 -5.96 -4.44 12.25
C SER A 530 -5.15 -3.15 12.42
N ALA A 531 -5.15 -2.30 11.39
CA ALA A 531 -4.37 -1.06 11.40
C ALA A 531 -4.95 0.22 12.02
N ASN A 532 -4.04 1.19 12.17
CA ASN A 532 -4.33 2.52 12.69
C ASN A 532 -4.84 2.65 14.12
N ARG A 533 -4.58 1.65 14.94
CA ARG A 533 -5.03 1.70 16.31
C ARG A 533 -3.86 1.61 17.27
N GLY A 534 -2.65 1.79 16.73
CA GLY A 534 -1.46 1.74 17.56
C GLY A 534 -0.78 0.39 17.57
N ALA A 535 0.51 0.39 17.90
CA ALA A 535 1.31 -0.82 17.94
C ALA A 535 0.80 -1.90 18.91
N ALA A 536 0.34 -1.50 20.09
CA ALA A 536 -0.16 -2.46 21.06
C ALA A 536 -1.37 -3.20 20.50
N PHE A 537 -2.25 -2.45 19.86
CA PHE A 537 -3.47 -3.00 19.27
C PHE A 537 -3.18 -4.03 18.18
N GLU A 538 -2.09 -3.81 17.46
CA GLU A 538 -1.68 -4.66 16.35
C GLU A 538 -0.82 -5.84 16.75
N GLN A 539 0.26 -5.55 17.45
CA GLN A 539 1.24 -6.56 17.84
C GLN A 539 0.74 -7.68 18.73
N VAL A 540 -0.47 -7.56 19.26
CA VAL A 540 -1.00 -8.61 20.11
C VAL A 540 -0.98 -9.96 19.38
N ILE A 541 -1.00 -9.90 18.05
CA ILE A 541 -1.03 -11.09 17.21
C ILE A 541 0.33 -11.78 17.05
N HIS A 542 1.40 -11.06 17.34
CA HIS A 542 2.76 -11.58 17.19
C HIS A 542 2.91 -13.08 17.54
N ARG A 543 3.62 -13.80 16.68
CA ARG A 543 3.87 -15.23 16.86
C ARG A 543 2.63 -16.10 17.03
N ARG A 544 1.44 -15.50 16.99
CA ARG A 544 0.22 -16.26 17.16
C ARG A 544 -0.83 -15.88 16.12
N LEU A 545 -0.44 -15.88 14.85
CA LEU A 545 -1.35 -15.51 13.77
C LEU A 545 -2.66 -16.27 13.82
N GLY A 546 -3.75 -15.52 13.67
CA GLY A 546 -5.08 -16.12 13.66
C GLY A 546 -5.78 -16.28 15.00
N GLN A 547 -5.03 -16.43 16.08
CA GLN A 547 -5.62 -16.61 17.39
C GLN A 547 -6.52 -15.49 17.94
N THR A 548 -5.92 -14.33 18.21
CA THR A 548 -6.72 -13.23 18.76
C THR A 548 -7.70 -12.74 17.72
N GLU A 549 -7.24 -12.69 16.47
CA GLU A 549 -8.09 -12.23 15.39
C GLU A 549 -9.43 -12.98 15.44
N MET A 550 -9.39 -14.32 15.49
CA MET A 550 -10.62 -15.11 15.52
C MET A 550 -11.40 -14.87 16.82
N ALA A 551 -10.67 -14.81 17.93
CA ALA A 551 -11.31 -14.59 19.22
C ALA A 551 -12.11 -13.29 19.16
N ASP A 552 -11.57 -12.29 18.49
CA ASP A 552 -12.25 -11.01 18.36
C ASP A 552 -13.40 -11.14 17.39
N GLN A 553 -13.18 -11.87 16.29
CA GLN A 553 -14.22 -12.06 15.28
C GLN A 553 -15.44 -12.78 15.86
N MET A 554 -15.22 -13.67 16.82
CA MET A 554 -16.33 -14.38 17.43
C MET A 554 -17.12 -13.44 18.35
N CYS A 555 -16.51 -12.33 18.74
CA CYS A 555 -17.21 -11.34 19.56
C CYS A 555 -18.12 -10.58 18.62
N GLY A 556 -17.76 -10.59 17.33
CA GLY A 556 -18.57 -9.92 16.34
C GLY A 556 -19.76 -10.82 16.08
N VAL A 557 -19.58 -12.12 16.31
CA VAL A 557 -20.65 -13.08 16.10
C VAL A 557 -21.65 -12.95 17.23
N ASP A 558 -21.15 -12.97 18.48
CA ASP A 558 -22.02 -12.82 19.64
C ASP A 558 -22.92 -11.59 19.42
N PHE A 559 -22.33 -10.51 18.94
CA PHE A 559 -23.09 -9.31 18.68
C PHE A 559 -24.22 -9.61 17.73
N LEU A 560 -23.90 -10.26 16.62
CA LEU A 560 -24.91 -10.59 15.63
C LEU A 560 -26.01 -11.51 16.18
N LYS A 561 -25.62 -12.44 17.05
CA LYS A 561 -26.59 -13.37 17.65
C LYS A 561 -27.54 -12.61 18.57
N SER A 562 -27.11 -11.43 19.01
CA SER A 562 -27.91 -10.57 19.89
C SER A 562 -29.04 -9.88 19.15
N GLN A 563 -29.00 -9.94 17.82
CA GLN A 563 -30.05 -9.31 17.03
C GLN A 563 -31.15 -10.33 16.81
N SER A 564 -32.40 -9.87 16.91
CA SER A 564 -33.54 -10.75 16.70
C SER A 564 -33.57 -11.11 15.23
N TRP A 565 -33.35 -10.12 14.37
CA TRP A 565 -33.37 -10.31 12.93
C TRP A 565 -32.25 -11.22 12.40
N VAL A 566 -31.28 -11.56 13.24
CA VAL A 566 -30.19 -12.42 12.82
C VAL A 566 -30.50 -13.90 13.05
N ASP A 567 -30.57 -14.64 11.95
CA ASP A 567 -30.85 -16.08 11.95
C ASP A 567 -29.55 -16.81 12.32
N ALA A 568 -29.35 -17.04 13.61
CA ALA A 568 -28.16 -17.71 14.12
C ALA A 568 -27.76 -19.02 13.43
N ASP A 569 -28.55 -19.52 12.49
CA ASP A 569 -28.17 -20.77 11.84
C ASP A 569 -27.76 -20.59 10.40
N ARG A 570 -27.81 -19.36 9.93
CA ARG A 570 -27.43 -19.04 8.56
C ARG A 570 -26.34 -17.97 8.56
N ILE A 571 -25.25 -18.26 9.26
CA ILE A 571 -24.12 -17.34 9.38
C ILE A 571 -22.98 -17.78 8.46
N GLY A 572 -22.54 -16.89 7.57
CA GLY A 572 -21.46 -17.22 6.66
C GLY A 572 -20.22 -16.38 6.88
N VAL A 573 -19.22 -16.56 6.02
CA VAL A 573 -17.98 -15.79 6.13
C VAL A 573 -17.25 -15.71 4.80
N HIS A 574 -16.73 -14.51 4.50
CA HIS A 574 -15.98 -14.27 3.28
C HIS A 574 -14.75 -13.40 3.53
N GLY A 575 -13.68 -13.67 2.79
CA GLY A 575 -12.46 -12.91 2.95
C GLY A 575 -11.46 -13.19 1.83
N TRP A 576 -10.51 -12.28 1.64
CA TRP A 576 -9.52 -12.46 0.59
C TRP A 576 -8.13 -12.30 1.19
N ALA A 577 -7.18 -13.10 0.69
CA ALA A 577 -5.80 -13.07 1.16
C ALA A 577 -5.76 -13.39 2.65
N TYR A 578 -5.43 -12.41 3.49
CA TYR A 578 -5.43 -12.67 4.93
C TYR A 578 -6.85 -13.04 5.32
N GLY A 579 -7.81 -12.47 4.60
CA GLY A 579 -9.21 -12.76 4.86
C GLY A 579 -9.56 -14.17 4.44
N GLY A 580 -8.77 -14.73 3.53
CA GLY A 580 -9.00 -16.08 3.08
C GLY A 580 -8.53 -16.99 4.21
N PHE A 581 -7.37 -16.66 4.76
CA PHE A 581 -6.80 -17.43 5.87
C PHE A 581 -7.83 -17.50 6.99
N MET A 582 -8.38 -16.34 7.33
CA MET A 582 -9.37 -16.20 8.39
C MET A 582 -10.63 -16.97 8.10
N THR A 583 -11.19 -16.78 6.90
CA THR A 583 -12.41 -17.46 6.52
C THR A 583 -12.26 -18.96 6.71
N THR A 584 -11.15 -19.51 6.22
CA THR A 584 -10.93 -20.94 6.35
C THR A 584 -10.72 -21.31 7.81
N ASN A 585 -9.83 -20.59 8.50
CA ASN A 585 -9.52 -20.87 9.91
C ASN A 585 -10.78 -20.85 10.78
N LEU A 586 -11.66 -19.90 10.51
CA LEU A 586 -12.91 -19.77 11.25
C LEU A 586 -13.84 -20.96 11.02
N MET A 587 -13.93 -21.41 9.78
CA MET A 587 -14.79 -22.56 9.49
C MET A 587 -14.24 -23.86 10.06
N LEU A 588 -12.92 -23.94 10.21
CA LEU A 588 -12.30 -25.14 10.76
C LEU A 588 -12.25 -25.06 12.27
N THR A 589 -12.32 -23.85 12.80
CA THR A 589 -12.27 -23.63 14.24
C THR A 589 -13.65 -23.54 14.86
N HIS A 590 -14.59 -22.95 14.11
CA HIS A 590 -15.96 -22.81 14.58
C HIS A 590 -16.93 -23.36 13.52
N GLY A 591 -16.73 -24.64 13.19
CA GLY A 591 -17.55 -25.30 12.19
C GLY A 591 -19.04 -25.24 12.47
N ASP A 592 -19.41 -25.04 13.74
CA ASP A 592 -20.80 -24.99 14.15
C ASP A 592 -21.45 -23.65 13.87
N VAL A 593 -20.67 -22.58 13.97
CA VAL A 593 -21.16 -21.23 13.75
C VAL A 593 -21.27 -20.85 12.27
N PHE A 594 -20.22 -21.10 11.51
CA PHE A 594 -20.23 -20.75 10.09
C PHE A 594 -20.60 -21.92 9.21
N LYS A 595 -21.71 -21.75 8.48
CA LYS A 595 -22.21 -22.79 7.59
C LYS A 595 -21.55 -22.77 6.22
N VAL A 596 -21.40 -21.57 5.66
CA VAL A 596 -20.80 -21.42 4.34
C VAL A 596 -19.78 -20.31 4.31
N GLY A 597 -18.78 -20.47 3.45
CA GLY A 597 -17.75 -19.48 3.30
C GLY A 597 -17.11 -19.54 1.93
N VAL A 598 -16.41 -18.48 1.56
CA VAL A 598 -15.72 -18.43 0.29
C VAL A 598 -14.41 -17.75 0.64
N ALA A 599 -13.31 -18.42 0.31
CA ALA A 599 -12.00 -17.85 0.61
C ALA A 599 -11.17 -17.65 -0.65
N GLY A 600 -10.86 -16.40 -0.97
CA GLY A 600 -10.05 -16.10 -2.14
C GLY A 600 -8.58 -15.96 -1.77
N GLY A 601 -7.70 -16.42 -2.66
CA GLY A 601 -6.26 -16.35 -2.40
C GLY A 601 -5.92 -16.49 -0.93
N PRO A 602 -6.32 -17.60 -0.31
CA PRO A 602 -6.04 -17.79 1.11
C PRO A 602 -4.67 -18.31 1.50
N VAL A 603 -4.08 -17.73 2.54
CA VAL A 603 -2.81 -18.20 3.04
C VAL A 603 -3.25 -19.40 3.88
N ILE A 604 -2.65 -20.56 3.63
CA ILE A 604 -3.04 -21.76 4.36
C ILE A 604 -1.95 -22.26 5.28
N ASP A 605 -0.73 -22.27 4.76
CA ASP A 605 0.42 -22.70 5.52
C ASP A 605 1.36 -21.52 5.52
N TRP A 606 1.48 -20.83 6.65
CA TRP A 606 2.36 -19.68 6.72
C TRP A 606 3.83 -19.96 6.48
N ASN A 607 4.20 -21.24 6.45
CA ASN A 607 5.58 -21.60 6.17
C ASN A 607 5.84 -21.27 4.72
N ARG A 608 4.78 -21.19 3.94
CA ARG A 608 4.90 -20.88 2.52
C ARG A 608 4.62 -19.42 2.21
N TYR A 609 4.63 -18.57 3.23
CA TYR A 609 4.46 -17.15 2.94
C TYR A 609 5.87 -16.54 2.93
N GLU A 610 6.00 -15.41 2.26
CA GLU A 610 7.27 -14.73 2.14
C GLU A 610 7.99 -14.46 3.47
N ILE A 611 9.30 -14.41 3.41
CA ILE A 611 10.12 -14.17 4.58
C ILE A 611 9.79 -12.81 5.19
N MET A 612 9.91 -11.76 4.39
CA MET A 612 9.70 -10.41 4.88
C MET A 612 8.44 -10.17 5.72
N TYR A 613 7.26 -10.26 5.11
CA TYR A 613 6.02 -10.06 5.85
C TYR A 613 5.85 -11.14 6.93
N GLY A 614 5.74 -12.39 6.50
CA GLY A 614 5.56 -13.51 7.40
C GLY A 614 6.41 -13.51 8.65
N GLU A 615 7.72 -13.42 8.51
CA GLU A 615 8.59 -13.45 9.67
C GLU A 615 8.39 -12.28 10.63
N ARG A 616 7.95 -11.13 10.13
CA ARG A 616 7.72 -9.99 11.02
C ARG A 616 6.69 -10.28 12.10
N TYR A 617 5.52 -10.76 11.70
CA TYR A 617 4.43 -11.05 12.63
C TYR A 617 4.45 -12.46 13.25
N PHE A 618 5.06 -13.42 12.55
CA PHE A 618 5.10 -14.81 13.02
C PHE A 618 6.46 -15.26 13.51
N ASP A 619 7.49 -14.52 13.09
CA ASP A 619 8.88 -14.88 13.40
C ASP A 619 9.17 -16.13 12.56
N ALA A 620 10.44 -16.50 12.47
CA ALA A 620 10.81 -17.67 11.68
C ALA A 620 10.09 -18.90 12.19
N PRO A 621 9.77 -19.85 11.28
CA PRO A 621 9.07 -21.09 11.63
C PRO A 621 9.91 -22.00 12.53
N GLN A 622 11.23 -21.92 12.40
CA GLN A 622 12.13 -22.73 13.22
C GLN A 622 12.15 -22.23 14.66
N GLU A 623 11.85 -20.96 14.87
CA GLU A 623 11.88 -20.41 16.21
C GLU A 623 10.49 -20.29 16.81
N ASN A 624 9.46 -20.69 16.05
CA ASN A 624 8.09 -20.61 16.53
C ASN A 624 7.25 -21.71 15.91
N PRO A 625 7.54 -22.97 16.25
CA PRO A 625 6.83 -24.16 15.75
C PRO A 625 5.36 -24.19 16.12
N GLU A 626 5.07 -23.92 17.39
CA GLU A 626 3.71 -23.95 17.87
C GLU A 626 2.82 -22.90 17.22
N GLY A 627 3.36 -21.69 17.06
CA GLY A 627 2.59 -20.64 16.43
C GLY A 627 2.20 -21.06 15.03
N TYR A 628 3.21 -21.46 14.25
CA TYR A 628 3.00 -21.88 12.87
C TYR A 628 2.09 -23.07 12.77
N ASP A 629 2.28 -24.07 13.63
CA ASP A 629 1.43 -25.25 13.59
C ASP A 629 -0.04 -24.96 13.89
N ALA A 630 -0.28 -24.04 14.81
CA ALA A 630 -1.64 -23.69 15.17
C ALA A 630 -2.34 -23.02 14.00
N ALA A 631 -1.58 -22.34 13.14
CA ALA A 631 -2.18 -21.67 11.98
C ALA A 631 -2.12 -22.50 10.68
N ASN A 632 -1.37 -23.60 10.69
CA ASN A 632 -1.27 -24.45 9.50
C ASN A 632 -2.60 -25.11 9.23
N LEU A 633 -3.45 -24.44 8.47
CA LEU A 633 -4.77 -24.98 8.16
C LEU A 633 -4.72 -26.36 7.49
N LEU A 634 -3.58 -26.69 6.89
CA LEU A 634 -3.45 -27.98 6.24
C LEU A 634 -3.63 -29.09 7.28
N LYS A 635 -3.23 -28.78 8.52
CA LYS A 635 -3.31 -29.74 9.62
C LYS A 635 -4.72 -30.01 10.12
N ARG A 636 -5.65 -29.10 9.84
CA ARG A 636 -7.02 -29.26 10.33
C ARG A 636 -8.09 -29.31 9.24
N ALA A 637 -7.72 -29.79 8.06
CA ALA A 637 -8.67 -29.90 6.95
C ALA A 637 -9.82 -30.82 7.30
N GLY A 638 -9.54 -31.81 8.13
CA GLY A 638 -10.58 -32.74 8.51
C GLY A 638 -11.75 -32.09 9.25
N ASP A 639 -11.57 -30.87 9.74
CA ASP A 639 -12.62 -30.19 10.47
C ASP A 639 -13.60 -29.44 9.57
N LEU A 640 -13.41 -29.51 8.27
CA LEU A 640 -14.32 -28.81 7.36
C LEU A 640 -15.64 -29.58 7.24
N LYS A 641 -16.68 -29.13 7.97
CA LYS A 641 -17.97 -29.80 7.90
C LYS A 641 -18.96 -28.96 7.08
N GLY A 642 -18.72 -27.67 7.00
CA GLY A 642 -19.60 -26.79 6.23
C GLY A 642 -19.21 -26.72 4.77
N ARG A 643 -19.79 -25.77 4.04
CA ARG A 643 -19.48 -25.61 2.62
C ARG A 643 -18.56 -24.42 2.43
N LEU A 644 -17.37 -24.71 1.90
CA LEU A 644 -16.37 -23.67 1.67
C LEU A 644 -15.80 -23.72 0.27
N MET A 645 -15.70 -22.56 -0.36
CA MET A 645 -15.13 -22.46 -1.70
C MET A 645 -13.86 -21.63 -1.69
N LEU A 646 -12.75 -22.21 -2.12
CA LEU A 646 -11.52 -21.46 -2.20
C LEU A 646 -11.46 -20.96 -3.63
N ILE A 647 -10.97 -19.74 -3.82
CA ILE A 647 -10.86 -19.16 -5.14
C ILE A 647 -9.42 -18.69 -5.27
N HIS A 648 -8.82 -18.91 -6.43
CA HIS A 648 -7.43 -18.48 -6.59
C HIS A 648 -7.08 -18.04 -8.01
N GLY A 649 -6.12 -17.13 -8.11
CA GLY A 649 -5.67 -16.70 -9.43
C GLY A 649 -4.41 -17.51 -9.68
N ALA A 650 -4.44 -18.38 -10.68
CA ALA A 650 -3.32 -19.24 -11.03
C ALA A 650 -1.93 -18.62 -10.98
N ILE A 651 -1.76 -17.44 -11.56
CA ILE A 651 -0.45 -16.83 -11.59
C ILE A 651 -0.21 -15.82 -10.46
N ASP A 652 -0.87 -16.07 -9.33
CA ASP A 652 -0.79 -15.24 -8.14
C ASP A 652 0.61 -15.27 -7.52
N PRO A 653 1.29 -14.11 -7.47
CA PRO A 653 2.64 -13.99 -6.91
C PRO A 653 2.65 -13.53 -5.46
N VAL A 654 1.47 -13.21 -4.91
CA VAL A 654 1.38 -12.77 -3.53
C VAL A 654 1.16 -13.98 -2.64
N VAL A 655 0.09 -14.73 -2.93
CA VAL A 655 -0.24 -15.96 -2.20
C VAL A 655 -0.19 -17.07 -3.25
N VAL A 656 0.95 -17.77 -3.32
CA VAL A 656 1.15 -18.84 -4.31
C VAL A 656 0.00 -19.83 -4.36
N TRP A 657 -0.45 -20.12 -5.58
CA TRP A 657 -1.54 -21.06 -5.86
C TRP A 657 -1.46 -22.30 -4.95
N GLN A 658 -0.24 -22.82 -4.79
CA GLN A 658 0.03 -23.99 -3.95
C GLN A 658 -0.80 -24.03 -2.67
N HIS A 659 -0.96 -22.86 -2.04
CA HIS A 659 -1.73 -22.72 -0.81
C HIS A 659 -3.13 -23.38 -0.91
N SER A 660 -3.98 -22.88 -1.80
CA SER A 660 -5.32 -23.45 -1.92
C SER A 660 -5.34 -24.86 -2.50
N LEU A 661 -4.39 -25.18 -3.38
CA LEU A 661 -4.35 -26.51 -3.96
C LEU A 661 -4.05 -27.51 -2.86
N LEU A 662 -3.01 -27.23 -2.06
CA LEU A 662 -2.65 -28.14 -0.98
C LEU A 662 -3.80 -28.29 0.00
N PHE A 663 -4.59 -27.24 0.17
CA PHE A 663 -5.71 -27.38 1.08
C PHE A 663 -6.63 -28.44 0.51
N LEU A 664 -6.97 -28.32 -0.77
CA LEU A 664 -7.86 -29.30 -1.40
C LEU A 664 -7.29 -30.70 -1.21
N ASP A 665 -5.99 -30.83 -1.41
CA ASP A 665 -5.30 -32.10 -1.26
C ASP A 665 -5.50 -32.64 0.15
N ALA A 666 -5.32 -31.76 1.13
CA ALA A 666 -5.47 -32.17 2.52
C ALA A 666 -6.89 -32.66 2.74
N CYS A 667 -7.85 -32.02 2.06
CA CYS A 667 -9.25 -32.39 2.20
C CYS A 667 -9.58 -33.76 1.60
N VAL A 668 -8.92 -34.08 0.50
CA VAL A 668 -9.13 -35.36 -0.18
C VAL A 668 -8.73 -36.48 0.75
N LYS A 669 -7.63 -36.28 1.46
CA LYS A 669 -7.12 -37.30 2.36
C LYS A 669 -7.74 -37.26 3.75
N ALA A 670 -8.39 -36.16 4.10
CA ALA A 670 -9.05 -36.05 5.39
C ALA A 670 -10.52 -36.37 5.20
N ARG A 671 -10.88 -36.56 3.93
CA ARG A 671 -12.25 -36.86 3.53
C ARG A 671 -13.22 -35.72 3.83
N THR A 672 -12.83 -34.49 3.49
CA THR A 672 -13.71 -33.34 3.68
C THR A 672 -13.98 -32.77 2.29
N TYR A 673 -15.09 -32.05 2.13
CA TYR A 673 -15.43 -31.59 0.79
C TYR A 673 -15.67 -30.13 0.46
N PRO A 674 -14.59 -29.40 0.13
CA PRO A 674 -14.69 -27.98 -0.21
C PRO A 674 -14.95 -27.85 -1.71
N ASP A 675 -15.26 -26.64 -2.15
CA ASP A 675 -15.51 -26.35 -3.56
C ASP A 675 -14.36 -25.52 -4.08
N TYR A 676 -14.34 -25.17 -5.36
CA TYR A 676 -13.18 -24.44 -5.88
C TYR A 676 -13.39 -23.67 -7.18
N TYR A 677 -12.54 -22.69 -7.43
CA TYR A 677 -12.59 -21.92 -8.68
C TYR A 677 -11.25 -21.27 -8.94
N VAL A 678 -10.79 -21.34 -10.18
CA VAL A 678 -9.50 -20.78 -10.58
C VAL A 678 -9.62 -19.78 -11.72
N TYR A 679 -8.87 -18.69 -11.61
CA TYR A 679 -8.85 -17.69 -12.66
C TYR A 679 -7.42 -17.80 -13.19
N PRO A 680 -7.23 -18.61 -14.24
CA PRO A 680 -5.92 -18.85 -14.86
C PRO A 680 -5.16 -17.61 -15.32
N SER A 681 -5.88 -16.55 -15.70
CA SER A 681 -5.26 -15.32 -16.19
C SER A 681 -4.95 -14.27 -15.16
N HIS A 682 -5.51 -14.44 -13.97
CA HIS A 682 -5.31 -13.48 -12.90
C HIS A 682 -4.26 -13.81 -11.86
N GLU A 683 -3.75 -12.75 -11.24
CA GLU A 683 -2.76 -12.90 -10.19
C GLU A 683 -3.46 -12.96 -8.83
N HIS A 684 -3.18 -12.04 -7.93
CA HIS A 684 -3.78 -12.09 -6.60
C HIS A 684 -5.26 -11.69 -6.51
N ASN A 685 -5.64 -10.64 -7.23
CA ASN A 685 -7.03 -10.18 -7.22
C ASN A 685 -7.57 -10.14 -8.65
N VAL A 686 -8.85 -10.46 -8.82
CA VAL A 686 -9.46 -10.42 -10.14
C VAL A 686 -9.91 -8.97 -10.39
N MET A 687 -9.14 -8.25 -11.21
CA MET A 687 -9.43 -6.84 -11.52
C MET A 687 -9.95 -6.69 -12.95
N GLY A 688 -10.72 -5.64 -13.18
CA GLY A 688 -11.26 -5.41 -14.51
C GLY A 688 -12.61 -6.08 -14.64
N PRO A 689 -13.19 -6.11 -15.85
CA PRO A 689 -14.50 -6.74 -16.10
C PRO A 689 -14.66 -8.11 -15.47
N ASP A 690 -13.58 -8.89 -15.43
CA ASP A 690 -13.64 -10.22 -14.86
C ASP A 690 -14.16 -10.22 -13.43
N ARG A 691 -14.06 -9.08 -12.76
CA ARG A 691 -14.53 -8.97 -11.39
C ARG A 691 -16.05 -9.12 -11.28
N VAL A 692 -16.77 -8.89 -12.38
CA VAL A 692 -18.21 -9.08 -12.40
C VAL A 692 -18.43 -10.56 -12.17
N HIS A 693 -17.63 -11.36 -12.89
CA HIS A 693 -17.67 -12.81 -12.82
C HIS A 693 -17.28 -13.31 -11.43
N LEU A 694 -16.28 -12.68 -10.83
CA LEU A 694 -15.87 -13.09 -9.50
C LEU A 694 -17.03 -12.86 -8.56
N TYR A 695 -17.55 -11.64 -8.57
CA TYR A 695 -18.65 -11.30 -7.67
C TYR A 695 -19.83 -12.21 -7.87
N GLU A 696 -20.11 -12.53 -9.13
CA GLU A 696 -21.23 -13.40 -9.43
C GLU A 696 -21.02 -14.79 -8.82
N THR A 697 -19.81 -15.32 -8.97
CA THR A 697 -19.47 -16.63 -8.42
C THR A 697 -19.59 -16.64 -6.89
N ILE A 698 -18.90 -15.73 -6.22
CA ILE A 698 -18.94 -15.65 -4.77
C ILE A 698 -20.36 -15.57 -4.24
N THR A 699 -21.11 -14.64 -4.82
CA THR A 699 -22.51 -14.41 -4.44
C THR A 699 -23.36 -15.64 -4.64
N ARG A 700 -23.43 -16.15 -5.87
CA ARG A 700 -24.25 -17.31 -6.14
C ARG A 700 -23.93 -18.44 -5.20
N TYR A 701 -22.68 -18.54 -4.79
CA TYR A 701 -22.32 -19.62 -3.87
C TYR A 701 -23.07 -19.52 -2.55
N PHE A 702 -23.23 -18.30 -2.04
CA PHE A 702 -23.94 -18.08 -0.77
C PHE A 702 -25.45 -18.25 -0.95
N THR A 703 -26.00 -17.72 -2.04
CA THR A 703 -27.43 -17.85 -2.27
C THR A 703 -27.76 -19.31 -2.51
N ASP A 704 -26.74 -20.11 -2.84
CA ASP A 704 -26.93 -21.54 -3.08
C ASP A 704 -26.84 -22.35 -1.78
N HIS A 705 -25.89 -22.00 -0.91
CA HIS A 705 -25.67 -22.76 0.31
C HIS A 705 -25.93 -22.10 1.66
N LEU A 706 -26.06 -20.78 1.71
CA LEU A 706 -26.28 -20.13 3.00
C LEU A 706 -27.73 -19.84 3.33
#